data_4MWT
#
_entry.id   4MWT
#
_cell.length_a   134.575
_cell.length_b   134.575
_cell.length_c   99.776
_cell.angle_alpha   90.00
_cell.angle_beta   90.00
_cell.angle_gamma   120.00
#
_symmetry.space_group_name_H-M   'P 31 2 1'
#
loop_
_entity.id
_entity.type
_entity.pdbx_description
1 polymer 'Lysosomal protective protein'
2 branched beta-D-mannopyranose-(1-4)-2-acetamido-2-deoxy-beta-D-glucopyranose-(1-4)-2-acetamido-2-deoxy-beta-D-glucopyranose
3 non-polymer 2-acetamido-2-deoxy-beta-D-glucopyranose
#
_entity_poly.entity_id   1
_entity_poly.type   'polypeptide(L)'
_entity_poly.pdbx_seq_one_letter_code
;APDQDEIQRLPGLAKQPSFRQYSGYLKGSGSKHLHYWFVESQKDPENSPVVLWLNGGPGCSSLDGLLTEHGPFLVQPDGV
TLEYNPYSWNLIANVLYLESPAGVGFSYSDDKFYATNDTEVAQSNFEALQDFFRLFPEYKNNKLFLTGESYAGIYIPTLA
VLVMQDPSMNLQGLAVGNGLSSYEQNDNSLVYFAYYHGLLGNRLWSSLQTHCCSQNKCNFYDNKDLECVTNLQEVARIVG
NSGLNIYNLYAPCAGGVPSHFRSGDKVRMDPPCTNTTAASTYLNNPYVRKALNIPEQLPQWDMCNFLVNLQYRRLYRSMN
SQYLKLLSSQKYQILLYNGDVDMACNFMGDEWFVDSLNQKMEVQRRPWLVKYGDSGEQIAGFVKEFSHIAFLTIKGAGHM
VPTDKPLAAFTMFSRFLNKQPYHHHHHH
;
_entity_poly.pdbx_strand_id   A,B
#
# COMPACT_ATOMS: atom_id res chain seq x y z
N ALA A 1 -5.62 34.00 -29.09
CA ALA A 1 -4.84 34.09 -27.83
C ALA A 1 -4.69 35.54 -27.34
N PRO A 2 -5.07 35.80 -26.07
CA PRO A 2 -4.89 37.12 -25.47
C PRO A 2 -3.44 37.33 -25.09
N ASP A 3 -2.77 38.18 -25.85
CA ASP A 3 -1.32 38.33 -25.77
C ASP A 3 -0.89 38.79 -24.38
N GLN A 4 -1.67 39.70 -23.80
CA GLN A 4 -1.37 40.30 -22.50
C GLN A 4 -1.36 39.26 -21.37
N ASP A 5 -2.13 38.20 -21.55
CA ASP A 5 -2.14 37.09 -20.61
C ASP A 5 -0.94 36.16 -20.77
N GLU A 6 -0.15 36.30 -21.82
CA GLU A 6 0.99 35.41 -22.03
C GLU A 6 1.91 35.53 -20.84
N ILE A 7 2.47 34.39 -20.44
CA ILE A 7 3.41 34.33 -19.32
C ILE A 7 4.81 34.40 -19.89
N GLN A 8 5.56 35.42 -19.50
CA GLN A 8 6.84 35.69 -20.12
C GLN A 8 7.94 34.91 -19.45
N ARG A 9 8.42 35.38 -18.31
CA ARG A 9 9.48 34.68 -17.59
C ARG A 9 8.96 34.26 -16.25
N LEU A 10 8.91 32.96 -16.03
CA LEU A 10 8.35 32.43 -14.82
C LEU A 10 9.47 32.11 -13.80
N PRO A 11 9.49 32.83 -12.66
CA PRO A 11 10.51 32.61 -11.63
C PRO A 11 10.64 31.16 -11.19
N GLY A 12 11.86 30.64 -11.11
CA GLY A 12 12.11 29.29 -10.62
C GLY A 12 12.44 28.30 -11.72
N LEU A 13 12.37 28.75 -12.97
CA LEU A 13 12.83 27.97 -14.09
C LEU A 13 14.27 28.34 -14.45
N ALA A 14 15.12 27.33 -14.57
CA ALA A 14 16.46 27.53 -15.10
C ALA A 14 16.37 27.95 -16.57
N LYS A 15 15.68 27.16 -17.38
CA LYS A 15 15.53 27.46 -18.81
C LYS A 15 14.07 27.62 -19.14
N GLN A 16 13.78 28.58 -19.99
CA GLN A 16 12.39 28.91 -20.33
C GLN A 16 11.74 27.80 -21.13
N PRO A 17 10.39 27.66 -21.02
CA PRO A 17 9.61 26.64 -21.72
C PRO A 17 9.67 26.76 -23.22
N SER A 18 9.61 25.62 -23.90
CA SER A 18 9.54 25.59 -25.36
C SER A 18 8.12 25.85 -25.86
N PHE A 19 7.15 25.91 -24.96
CA PHE A 19 5.74 26.02 -25.31
C PHE A 19 5.19 27.32 -24.77
N ARG A 20 4.18 27.86 -25.44
CA ARG A 20 3.50 29.02 -24.92
C ARG A 20 2.58 28.64 -23.76
N GLN A 21 2.41 29.57 -22.85
CA GLN A 21 1.49 29.44 -21.74
C GLN A 21 0.96 30.80 -21.36
N TYR A 22 -0.32 30.82 -21.00
CA TYR A 22 -1.02 32.05 -20.69
C TYR A 22 -1.62 31.95 -19.30
N SER A 23 -1.72 33.09 -18.61
CA SER A 23 -2.42 33.14 -17.33
C SER A 23 -3.23 34.42 -17.19
N GLY A 24 -4.52 34.29 -16.93
CA GLY A 24 -5.43 35.44 -16.80
C GLY A 24 -6.81 35.05 -16.29
N TYR A 25 -7.85 35.75 -16.73
CA TYR A 25 -9.20 35.62 -16.17
C TYR A 25 -10.31 35.37 -17.19
N LEU A 26 -11.15 34.39 -16.87
CA LEU A 26 -12.31 34.07 -17.67
C LEU A 26 -13.56 34.55 -16.97
N LYS A 27 -14.48 35.11 -17.74
CA LYS A 27 -15.73 35.59 -17.18
C LYS A 27 -16.65 34.42 -16.88
N GLY A 28 -17.18 34.37 -15.68
CA GLY A 28 -18.20 33.38 -15.37
C GLY A 28 -19.58 34.05 -15.34
N SER A 29 -20.48 33.56 -14.51
CA SER A 29 -21.76 34.20 -14.33
C SER A 29 -21.56 35.48 -13.52
N GLY A 30 -22.57 36.34 -13.53
CA GLY A 30 -22.57 37.56 -12.73
C GLY A 30 -21.25 38.29 -12.84
N SER A 31 -20.71 38.71 -11.70
CA SER A 31 -19.47 39.45 -11.67
C SER A 31 -18.30 38.59 -11.21
N LYS A 32 -18.33 37.31 -11.56
CA LYS A 32 -17.28 36.37 -11.16
C LYS A 32 -16.15 36.25 -12.21
N HIS A 33 -14.90 36.17 -11.75
CA HIS A 33 -13.75 36.12 -12.63
C HIS A 33 -12.79 35.03 -12.20
N LEU A 34 -12.69 33.99 -13.02
CA LEU A 34 -11.93 32.80 -12.66
C LEU A 34 -10.53 32.85 -13.24
N HIS A 35 -9.53 32.64 -12.40
CA HIS A 35 -8.16 32.61 -12.86
C HIS A 35 -7.86 31.32 -13.59
N TYR A 36 -7.24 31.42 -14.75
CA TYR A 36 -6.84 30.25 -15.52
C TYR A 36 -5.34 30.26 -15.77
N TRP A 37 -4.81 29.07 -16.02
CA TRP A 37 -3.43 28.88 -16.42
C TRP A 37 -3.40 27.81 -17.51
N PHE A 38 -3.07 28.22 -18.73
CA PHE A 38 -3.20 27.40 -19.91
C PHE A 38 -1.81 27.05 -20.40
N VAL A 39 -1.48 25.76 -20.45
CA VAL A 39 -0.18 25.32 -20.96
C VAL A 39 -0.30 24.57 -22.29
N GLU A 40 0.25 25.17 -23.36
CA GLU A 40 0.12 24.61 -24.69
C GLU A 40 0.80 23.25 -24.78
N SER A 41 0.25 22.36 -25.60
CA SER A 41 0.87 21.06 -25.81
C SER A 41 2.31 21.25 -26.22
N GLN A 42 3.20 20.48 -25.61
CA GLN A 42 4.61 20.53 -25.98
C GLN A 42 4.84 19.98 -27.40
N LYS A 43 3.85 19.28 -27.93
CA LYS A 43 3.94 18.63 -29.22
C LYS A 43 2.71 19.00 -30.04
N ASP A 44 2.86 20.00 -30.90
CA ASP A 44 1.83 20.39 -31.86
C ASP A 44 0.51 20.83 -31.22
N PRO A 45 0.50 22.04 -30.65
CA PRO A 45 -0.70 22.64 -30.08
C PRO A 45 -1.91 22.58 -31.01
N GLU A 46 -1.72 22.93 -32.27
CA GLU A 46 -2.81 23.00 -33.25
C GLU A 46 -3.54 21.66 -33.50
N ASN A 47 -2.92 20.54 -33.16
CA ASN A 47 -3.55 19.23 -33.29
C ASN A 47 -3.55 18.42 -32.00
N SER A 48 -3.08 18.99 -30.91
CA SER A 48 -3.25 18.36 -29.60
C SER A 48 -4.61 18.78 -29.01
N PRO A 49 -5.28 17.89 -28.28
CA PRO A 49 -6.57 18.25 -27.68
C PRO A 49 -6.52 19.34 -26.60
N VAL A 50 -7.71 19.75 -26.18
CA VAL A 50 -7.89 20.74 -25.15
C VAL A 50 -8.46 20.05 -23.91
N VAL A 51 -7.69 20.07 -22.83
CA VAL A 51 -8.06 19.43 -21.59
C VAL A 51 -8.34 20.48 -20.50
N LEU A 52 -9.51 20.41 -19.91
CA LEU A 52 -9.82 21.22 -18.72
C LEU A 52 -9.51 20.36 -17.50
N TRP A 53 -8.74 20.89 -16.55
CA TRP A 53 -8.49 20.16 -15.31
C TRP A 53 -9.06 20.93 -14.14
N LEU A 54 -9.92 20.30 -13.35
CA LEU A 54 -10.48 20.91 -12.16
C LEU A 54 -10.14 20.06 -10.97
N ASN A 55 -9.48 20.65 -9.99
CA ASN A 55 -9.41 20.04 -8.69
C ASN A 55 -10.71 20.27 -7.95
N GLY A 56 -10.93 19.51 -6.88
CA GLY A 56 -12.20 19.54 -6.17
C GLY A 56 -12.20 20.47 -4.98
N GLY A 57 -12.49 19.89 -3.81
CA GLY A 57 -12.51 20.63 -2.54
C GLY A 57 -13.76 20.26 -1.77
N PRO A 58 -14.84 21.01 -1.99
CA PRO A 58 -14.93 22.24 -2.79
C PRO A 58 -14.18 23.36 -2.10
N GLY A 59 -13.57 24.23 -2.88
CA GLY A 59 -12.82 25.33 -2.33
C GLY A 59 -11.36 25.24 -2.62
N CYS A 60 -10.90 24.13 -3.18
CA CYS A 60 -9.46 23.93 -3.49
C CYS A 60 -9.05 24.26 -4.92
N SER A 61 -7.78 24.59 -5.07
CA SER A 61 -7.26 25.17 -6.30
C SER A 61 -6.78 24.15 -7.30
N SER A 62 -7.07 24.41 -8.57
CA SER A 62 -6.56 23.61 -9.68
C SER A 62 -5.08 23.88 -9.99
N LEU A 63 -4.48 24.86 -9.32
CA LEU A 63 -3.05 25.08 -9.48
C LEU A 63 -2.25 24.08 -8.66
N ASP A 64 -2.89 23.46 -7.67
CA ASP A 64 -2.31 22.28 -7.03
C ASP A 64 -2.07 21.20 -8.10
N GLY A 65 -3.07 20.98 -8.95
CA GLY A 65 -2.94 20.05 -10.07
C GLY A 65 -1.71 20.34 -10.89
N LEU A 66 -1.60 21.58 -11.33
CA LEU A 66 -0.46 21.99 -12.12
C LEU A 66 0.84 21.76 -11.37
N LEU A 67 0.95 22.34 -10.18
CA LEU A 67 2.24 22.47 -9.49
C LEU A 67 2.68 21.25 -8.71
N THR A 68 1.75 20.33 -8.41
CA THR A 68 2.10 19.13 -7.64
C THR A 68 1.67 17.80 -8.25
N GLU A 69 0.91 17.82 -9.36
CA GLU A 69 0.40 16.58 -9.95
C GLU A 69 0.88 16.28 -11.38
N HIS A 70 0.45 17.08 -12.35
CA HIS A 70 0.83 16.77 -13.74
C HIS A 70 1.08 17.98 -14.65
N GLY A 71 1.40 19.13 -14.07
CA GLY A 71 1.77 20.29 -14.86
C GLY A 71 3.12 20.04 -15.49
N PRO A 72 3.53 20.88 -16.44
CA PRO A 72 4.82 20.78 -17.09
C PRO A 72 5.98 20.94 -16.12
N PHE A 73 5.73 21.59 -15.00
CA PHE A 73 6.74 21.72 -14.01
C PHE A 73 6.11 21.67 -12.63
N LEU A 74 6.85 21.13 -11.67
CA LEU A 74 6.36 20.99 -10.31
C LEU A 74 7.21 21.79 -9.35
N VAL A 75 6.56 22.55 -8.46
CA VAL A 75 7.24 23.26 -7.38
C VAL A 75 7.96 22.27 -6.48
N GLN A 76 9.17 22.63 -6.08
CA GLN A 76 10.05 21.81 -5.23
C GLN A 76 9.95 22.28 -3.78
N PRO A 77 10.46 21.50 -2.82
CA PRO A 77 10.19 21.73 -1.39
C PRO A 77 10.65 23.07 -0.82
N ASP A 78 11.60 23.71 -1.48
CA ASP A 78 12.07 25.05 -1.08
C ASP A 78 11.07 26.16 -1.38
N GLY A 79 9.99 25.86 -2.08
CA GLY A 79 8.98 26.85 -2.40
C GLY A 79 9.37 27.83 -3.49
N VAL A 80 10.57 27.65 -4.05
CA VAL A 80 11.19 28.63 -4.94
C VAL A 80 11.50 28.06 -6.33
N THR A 81 12.02 26.85 -6.35
CA THR A 81 12.46 26.21 -7.58
C THR A 81 11.34 25.40 -8.19
N LEU A 82 11.22 25.52 -9.51
CA LEU A 82 10.34 24.67 -10.31
C LEU A 82 11.21 23.72 -11.14
N GLU A 83 10.86 22.45 -11.16
CA GLU A 83 11.55 21.47 -12.00
C GLU A 83 10.59 20.94 -13.05
N TYR A 84 11.07 20.75 -14.26
CA TYR A 84 10.23 20.26 -15.33
C TYR A 84 9.75 18.87 -14.96
N ASN A 85 8.60 18.49 -15.50
CA ASN A 85 7.96 17.24 -15.21
C ASN A 85 7.96 16.39 -16.47
N PRO A 86 8.74 15.30 -16.49
CA PRO A 86 8.85 14.44 -17.69
C PRO A 86 7.57 13.68 -18.00
N TYR A 87 6.67 13.59 -17.01
CA TYR A 87 5.38 12.90 -17.16
C TYR A 87 4.24 13.90 -17.25
N SER A 88 4.50 15.15 -17.62
CA SER A 88 3.45 16.17 -17.68
C SER A 88 2.40 15.89 -18.72
N TRP A 89 1.17 16.22 -18.39
CA TRP A 89 0.05 15.95 -19.29
C TRP A 89 0.08 16.86 -20.50
N ASN A 90 0.70 18.04 -20.37
CA ASN A 90 0.82 18.93 -21.51
C ASN A 90 1.90 18.48 -22.49
N LEU A 91 2.45 17.29 -22.32
CA LEU A 91 3.31 16.70 -23.34
C LEU A 91 2.51 16.45 -24.61
N ILE A 92 1.25 16.05 -24.44
CA ILE A 92 0.38 15.65 -25.54
C ILE A 92 -0.99 16.33 -25.50
N ALA A 93 -1.12 17.42 -24.75
CA ALA A 93 -2.40 18.09 -24.65
C ALA A 93 -2.26 19.56 -24.27
N ASN A 94 -3.26 20.35 -24.64
CA ASN A 94 -3.36 21.71 -24.17
C ASN A 94 -4.21 21.66 -22.93
N VAL A 95 -3.57 21.87 -21.78
CA VAL A 95 -4.22 21.66 -20.48
C VAL A 95 -4.62 23.02 -19.94
N LEU A 96 -5.91 23.19 -19.66
CA LEU A 96 -6.42 24.43 -19.05
C LEU A 96 -6.72 24.23 -17.57
N TYR A 97 -5.82 24.68 -16.70
CA TYR A 97 -5.99 24.58 -15.22
C TYR A 97 -6.82 25.75 -14.75
N LEU A 98 -8.03 25.48 -14.24
CA LEU A 98 -8.99 26.56 -13.92
C LEU A 98 -9.29 26.65 -12.43
N GLU A 99 -8.96 27.79 -11.82
CA GLU A 99 -9.25 27.97 -10.40
C GLU A 99 -10.72 28.35 -10.21
N SER A 100 -11.46 27.47 -9.56
CA SER A 100 -12.90 27.61 -9.48
C SER A 100 -13.43 26.88 -8.25
N PRO A 101 -14.58 27.32 -7.72
CA PRO A 101 -15.41 28.42 -8.16
C PRO A 101 -14.87 29.76 -7.69
N ALA A 102 -15.59 30.84 -7.98
CA ALA A 102 -15.24 32.18 -7.51
C ALA A 102 -14.76 32.20 -6.06
N GLY A 103 -13.54 32.70 -5.86
CA GLY A 103 -12.98 32.89 -4.51
C GLY A 103 -11.80 31.95 -4.22
N VAL A 104 -11.76 30.83 -4.92
CA VAL A 104 -10.67 29.87 -4.80
C VAL A 104 -9.42 30.42 -5.47
N GLY A 105 -8.27 30.25 -4.80
CA GLY A 105 -6.98 30.69 -5.31
C GLY A 105 -6.92 32.16 -5.63
N PHE A 106 -6.65 32.49 -6.90
CA PHE A 106 -6.64 33.87 -7.38
C PHE A 106 -7.97 34.28 -8.03
N SER A 107 -8.94 33.40 -8.05
CA SER A 107 -10.23 33.72 -8.62
C SER A 107 -11.02 34.55 -7.62
N TYR A 108 -11.79 35.49 -8.14
CA TYR A 108 -12.60 36.37 -7.31
C TYR A 108 -13.91 36.76 -8.00
N SER A 109 -14.72 37.54 -7.29
CA SER A 109 -15.84 38.25 -7.88
C SER A 109 -15.85 39.67 -7.36
N ASP A 110 -16.45 40.57 -8.11
CA ASP A 110 -16.52 41.99 -7.71
C ASP A 110 -17.23 42.16 -6.37
N ASP A 111 -18.32 41.46 -6.19
CA ASP A 111 -19.08 41.56 -4.95
C ASP A 111 -18.52 40.71 -3.81
N LYS A 112 -17.56 39.85 -4.10
CA LYS A 112 -16.92 39.00 -3.09
C LYS A 112 -17.85 38.05 -2.33
N PHE A 113 -19.05 37.80 -2.83
CA PHE A 113 -19.95 36.85 -2.18
C PHE A 113 -19.61 35.49 -2.76
N TYR A 114 -19.05 34.61 -1.94
CA TYR A 114 -18.50 33.35 -2.45
C TYR A 114 -19.30 32.13 -2.06
N ALA A 115 -20.41 32.30 -1.34
CA ALA A 115 -21.36 31.20 -1.13
C ALA A 115 -21.90 30.81 -2.48
N THR A 116 -21.94 29.52 -2.74
CA THR A 116 -22.35 29.01 -4.03
C THR A 116 -22.82 27.58 -3.89
N ASN A 117 -23.15 26.94 -5.01
CA ASN A 117 -23.66 25.57 -5.02
C ASN A 117 -23.45 24.87 -6.37
N ASP A 118 -23.66 23.56 -6.41
CA ASP A 118 -23.31 22.76 -7.57
C ASP A 118 -23.86 23.30 -8.91
N THR A 119 -25.13 23.71 -8.93
CA THR A 119 -25.75 24.21 -10.16
C THR A 119 -25.13 25.53 -10.58
N GLU A 120 -24.82 26.37 -9.60
CA GLU A 120 -24.24 27.67 -9.93
C GLU A 120 -22.82 27.53 -10.39
N VAL A 121 -22.07 26.62 -9.76
CA VAL A 121 -20.68 26.40 -10.15
C VAL A 121 -20.61 25.81 -11.53
N ALA A 122 -21.52 24.88 -11.83
CA ALA A 122 -21.59 24.27 -13.16
C ALA A 122 -21.75 25.34 -14.22
N GLN A 123 -22.76 26.19 -14.02
CA GLN A 123 -23.05 27.29 -14.92
C GLN A 123 -21.87 28.25 -15.05
N SER A 124 -21.20 28.52 -13.93
CA SER A 124 -20.08 29.43 -13.89
C SER A 124 -18.92 28.92 -14.74
N ASN A 125 -18.59 27.63 -14.56
CA ASN A 125 -17.56 26.97 -15.38
C ASN A 125 -17.92 26.93 -16.87
N PHE A 126 -19.17 26.63 -17.14
CA PHE A 126 -19.66 26.61 -18.50
C PHE A 126 -19.46 27.95 -19.18
N GLU A 127 -19.84 29.02 -18.50
CA GLU A 127 -19.70 30.38 -19.04
C GLU A 127 -18.23 30.79 -19.17
N ALA A 128 -17.40 30.36 -18.22
CA ALA A 128 -15.95 30.57 -18.30
C ALA A 128 -15.32 29.83 -19.48
N LEU A 129 -15.79 28.62 -19.73
CA LEU A 129 -15.33 27.84 -20.87
C LEU A 129 -15.76 28.57 -22.15
N GLN A 130 -16.99 29.08 -22.18
CA GLN A 130 -17.43 29.96 -23.28
C GLN A 130 -16.48 31.15 -23.46
N ASP A 131 -16.24 31.89 -22.38
CA ASP A 131 -15.32 33.04 -22.44
C ASP A 131 -13.92 32.63 -22.89
N PHE A 132 -13.53 31.40 -22.62
CA PHE A 132 -12.23 30.91 -23.04
C PHE A 132 -12.08 30.92 -24.53
N PHE A 133 -13.09 30.38 -25.20
CA PHE A 133 -13.04 30.25 -26.65
C PHE A 133 -13.19 31.56 -27.38
N ARG A 134 -13.77 32.58 -26.71
CA ARG A 134 -13.79 33.94 -27.28
C ARG A 134 -12.37 34.48 -27.32
N LEU A 135 -11.62 34.17 -26.27
CA LEU A 135 -10.24 34.62 -26.12
C LEU A 135 -9.29 33.74 -26.88
N PHE A 136 -9.61 32.45 -26.97
CA PHE A 136 -8.79 31.49 -27.70
C PHE A 136 -9.58 30.84 -28.83
N PRO A 137 -9.99 31.62 -29.83
CA PRO A 137 -10.84 31.05 -30.91
C PRO A 137 -10.18 29.95 -31.75
N GLU A 138 -8.85 30.04 -31.88
CA GLU A 138 -8.06 29.06 -32.64
C GLU A 138 -8.05 27.66 -32.03
N TYR A 139 -8.59 27.54 -30.82
CA TYR A 139 -8.73 26.25 -30.13
C TYR A 139 -10.16 25.71 -30.10
N LYS A 140 -11.08 26.40 -30.78
CA LYS A 140 -12.46 25.92 -30.87
C LYS A 140 -12.60 24.60 -31.62
N ASN A 141 -11.68 24.30 -32.52
CA ASN A 141 -11.75 23.07 -33.32
C ASN A 141 -11.24 21.86 -32.59
N ASN A 142 -10.30 22.10 -31.67
CA ASN A 142 -9.56 21.03 -31.03
C ASN A 142 -10.48 20.10 -30.28
N LYS A 143 -10.09 18.84 -30.18
CA LYS A 143 -10.85 17.90 -29.38
C LYS A 143 -10.83 18.44 -27.96
N LEU A 144 -11.98 18.41 -27.29
CA LEU A 144 -12.13 18.99 -25.94
C LEU A 144 -12.49 17.94 -24.90
N PHE A 145 -11.61 17.77 -23.93
CA PHE A 145 -11.85 16.88 -22.82
C PHE A 145 -12.00 17.64 -21.49
N LEU A 146 -12.91 17.15 -20.67
CA LEU A 146 -13.18 17.70 -19.36
C LEU A 146 -12.63 16.71 -18.35
N THR A 147 -11.67 17.13 -17.53
CA THR A 147 -11.07 16.24 -16.54
C THR A 147 -11.03 16.91 -15.21
N GLY A 148 -11.07 16.11 -14.16
CA GLY A 148 -11.03 16.65 -12.79
C GLY A 148 -10.65 15.60 -11.78
N GLU A 149 -10.65 16.01 -10.52
CA GLU A 149 -10.32 15.12 -9.41
C GLU A 149 -11.22 15.40 -8.22
N SER A 150 -11.36 14.44 -7.31
CA SER A 150 -11.95 14.71 -5.99
C SER A 150 -13.42 15.19 -6.13
N TYR A 151 -13.81 16.27 -5.46
CA TYR A 151 -15.16 16.79 -5.62
C TYR A 151 -15.53 17.11 -7.07
N ALA A 152 -14.56 17.17 -7.97
CA ALA A 152 -14.85 17.41 -9.39
C ALA A 152 -15.53 16.21 -10.02
N GLY A 153 -15.68 15.13 -9.27
CA GLY A 153 -16.60 14.08 -9.65
C GLY A 153 -18.03 14.59 -9.75
N ILE A 154 -18.29 15.73 -9.09
CA ILE A 154 -19.53 16.49 -9.23
C ILE A 154 -19.40 17.62 -10.22
N TYR A 155 -18.33 18.39 -10.12
CA TYR A 155 -18.13 19.50 -11.05
C TYR A 155 -18.23 19.02 -12.50
N ILE A 156 -17.55 17.93 -12.82
CA ILE A 156 -17.30 17.54 -14.21
C ILE A 156 -18.53 17.00 -14.96
N PRO A 157 -19.23 16.01 -14.38
CA PRO A 157 -20.40 15.54 -15.09
C PRO A 157 -21.46 16.61 -15.22
N THR A 158 -21.65 17.42 -14.18
CA THR A 158 -22.67 18.47 -14.22
C THR A 158 -22.30 19.50 -15.28
N LEU A 159 -21.02 19.85 -15.34
CA LEU A 159 -20.49 20.73 -16.38
C LEU A 159 -20.71 20.12 -17.75
N ALA A 160 -20.29 18.87 -17.90
CA ALA A 160 -20.36 18.16 -19.18
C ALA A 160 -21.75 18.22 -19.78
N VAL A 161 -22.76 18.00 -18.96
CA VAL A 161 -24.13 18.12 -19.41
C VAL A 161 -24.40 19.49 -20.04
N LEU A 162 -23.95 20.56 -19.42
CA LEU A 162 -24.13 21.88 -20.01
C LEU A 162 -23.36 21.98 -21.33
N VAL A 163 -22.16 21.40 -21.37
CA VAL A 163 -21.30 21.43 -22.56
C VAL A 163 -21.95 20.61 -23.67
N MET A 164 -22.57 19.50 -23.28
CA MET A 164 -23.29 18.64 -24.19
C MET A 164 -24.37 19.40 -24.96
N GLN A 165 -24.98 20.39 -24.30
CA GLN A 165 -25.98 21.24 -24.92
C GLN A 165 -25.43 22.22 -25.95
N ASP A 166 -24.14 22.53 -25.92
CA ASP A 166 -23.55 23.51 -26.84
C ASP A 166 -22.65 22.85 -27.91
N PRO A 167 -23.17 22.68 -29.14
CA PRO A 167 -22.42 21.92 -30.16
C PRO A 167 -21.29 22.72 -30.81
N SER A 168 -21.21 24.02 -30.50
CA SER A 168 -20.05 24.84 -30.84
C SER A 168 -18.81 24.32 -30.11
N MET A 169 -18.99 23.79 -28.91
CA MET A 169 -17.91 23.13 -28.17
C MET A 169 -17.75 21.68 -28.62
N ASN A 170 -16.52 21.31 -28.95
CA ASN A 170 -16.20 19.98 -29.51
C ASN A 170 -15.86 18.94 -28.45
N LEU A 171 -16.81 18.70 -27.55
CA LEU A 171 -16.64 17.76 -26.44
C LEU A 171 -16.44 16.33 -26.96
N GLN A 172 -15.31 15.72 -26.61
CA GLN A 172 -15.08 14.35 -27.00
C GLN A 172 -15.11 13.38 -25.83
N GLY A 173 -14.63 13.80 -24.66
CA GLY A 173 -14.74 12.97 -23.45
C GLY A 173 -14.53 13.66 -22.11
N LEU A 174 -14.62 12.88 -21.04
CA LEU A 174 -14.33 13.35 -19.69
C LEU A 174 -13.68 12.27 -18.82
N ALA A 175 -12.77 12.69 -17.93
CA ALA A 175 -12.13 11.76 -17.00
C ALA A 175 -12.13 12.31 -15.57
N VAL A 176 -12.41 11.44 -14.60
CA VAL A 176 -12.49 11.84 -13.19
C VAL A 176 -11.60 10.97 -12.30
N GLY A 177 -10.67 11.60 -11.59
CA GLY A 177 -9.75 10.90 -10.70
C GLY A 177 -10.22 10.89 -9.25
N ASN A 178 -10.28 9.70 -8.66
CA ASN A 178 -10.84 9.55 -7.32
C ASN A 178 -11.98 10.52 -7.09
N GLY A 179 -13.00 10.39 -7.92
CA GLY A 179 -14.11 11.30 -7.92
C GLY A 179 -15.14 10.91 -6.89
N LEU A 180 -15.97 11.89 -6.53
CA LEU A 180 -17.14 11.66 -5.73
C LEU A 180 -18.33 11.57 -6.67
N SER A 181 -18.66 10.35 -7.04
CA SER A 181 -19.77 10.08 -7.95
C SER A 181 -21.07 9.80 -7.20
N SER A 182 -20.97 9.16 -6.02
CA SER A 182 -22.12 8.85 -5.19
C SER A 182 -21.78 8.78 -3.72
N TYR A 183 -22.35 9.66 -2.90
CA TYR A 183 -22.12 9.65 -1.44
C TYR A 183 -22.45 8.29 -0.82
N GLU A 184 -23.56 7.70 -1.24
CA GLU A 184 -24.01 6.44 -0.65
C GLU A 184 -23.00 5.30 -0.88
N GLN A 185 -22.58 5.12 -2.14
CA GLN A 185 -21.63 4.06 -2.46
C GLN A 185 -20.26 4.32 -1.84
N ASN A 186 -19.89 5.59 -1.83
CA ASN A 186 -18.64 6.01 -1.23
C ASN A 186 -18.64 5.61 0.24
N ASP A 187 -19.75 5.91 0.90
CA ASP A 187 -19.83 5.72 2.33
C ASP A 187 -19.92 4.25 2.71
N ASN A 188 -20.78 3.50 2.06
CA ASN A 188 -20.87 2.06 2.30
C ASN A 188 -19.56 1.33 1.99
N SER A 189 -18.95 1.65 0.84
CA SER A 189 -17.70 0.99 0.41
C SER A 189 -16.51 1.34 1.32
N LEU A 190 -16.47 2.57 1.80
CA LEU A 190 -15.40 2.99 2.74
C LEU A 190 -15.36 2.14 3.99
N VAL A 191 -16.54 1.76 4.49
CA VAL A 191 -16.59 1.01 5.73
C VAL A 191 -16.02 -0.39 5.53
N TYR A 192 -16.41 -1.07 4.45
CA TYR A 192 -15.76 -2.35 4.07
C TYR A 192 -14.28 -2.09 3.90
N PHE A 193 -13.94 -1.01 3.21
CA PHE A 193 -12.56 -0.69 2.96
C PHE A 193 -11.83 -0.71 4.27
N ALA A 194 -12.37 -0.02 5.25
CA ALA A 194 -11.71 0.17 6.54
C ALA A 194 -11.47 -1.15 7.23
N TYR A 195 -12.46 -2.03 7.23
CA TYR A 195 -12.29 -3.32 7.91
C TYR A 195 -11.22 -4.16 7.24
N TYR A 196 -11.33 -4.29 5.92
CA TYR A 196 -10.49 -5.22 5.17
C TYR A 196 -9.09 -4.71 4.90
N HIS A 197 -8.86 -3.45 5.22
CA HIS A 197 -7.51 -2.90 5.26
C HIS A 197 -6.96 -2.79 6.67
N GLY A 198 -7.62 -3.43 7.62
CA GLY A 198 -7.05 -3.65 8.95
C GLY A 198 -7.22 -2.56 10.00
N LEU A 199 -8.22 -1.70 9.83
CA LEU A 199 -8.38 -0.54 10.69
C LEU A 199 -9.45 -0.73 11.77
N LEU A 200 -10.25 -1.81 11.66
CA LEU A 200 -11.47 -1.93 12.48
C LEU A 200 -11.50 -3.07 13.47
N GLY A 201 -11.05 -4.24 13.08
CA GLY A 201 -11.11 -5.39 13.96
C GLY A 201 -12.52 -5.94 14.08
N ASN A 202 -12.63 -7.09 14.74
CA ASN A 202 -13.81 -7.92 14.69
C ASN A 202 -14.95 -7.52 15.63
N ARG A 203 -14.64 -7.00 16.82
CA ARG A 203 -15.70 -6.54 17.72
C ARG A 203 -16.47 -5.45 17.03
N LEU A 204 -15.76 -4.45 16.52
CA LEU A 204 -16.40 -3.35 15.84
C LEU A 204 -17.08 -3.81 14.54
N TRP A 205 -16.39 -4.65 13.74
CA TRP A 205 -17.03 -5.21 12.55
C TRP A 205 -18.33 -5.94 12.91
N SER A 206 -18.31 -6.80 13.92
CA SER A 206 -19.53 -7.49 14.36
C SER A 206 -20.65 -6.51 14.70
N SER A 207 -20.32 -5.48 15.47
CA SER A 207 -21.32 -4.53 15.90
C SER A 207 -21.95 -3.91 14.68
N LEU A 208 -21.10 -3.38 13.81
CA LEU A 208 -21.55 -2.77 12.58
C LEU A 208 -22.52 -3.69 11.81
N GLN A 209 -22.13 -4.95 11.57
CA GLN A 209 -22.98 -5.94 10.90
C GLN A 209 -24.33 -6.09 11.59
N THR A 210 -24.26 -6.28 12.90
CA THR A 210 -25.45 -6.45 13.72
C THR A 210 -26.45 -5.30 13.57
N HIS A 211 -25.97 -4.07 13.75
CA HIS A 211 -26.81 -2.89 13.86
C HIS A 211 -27.07 -2.17 12.54
N CYS A 212 -26.17 -2.29 11.59
CA CYS A 212 -26.30 -1.60 10.32
C CYS A 212 -26.67 -2.48 9.15
N CYS A 213 -26.77 -3.78 9.38
CA CYS A 213 -26.92 -4.72 8.26
C CYS A 213 -27.88 -5.82 8.60
N SER A 214 -28.73 -6.16 7.64
CA SER A 214 -29.47 -7.40 7.69
C SER A 214 -29.15 -8.23 6.44
N GLN A 215 -28.51 -9.38 6.66
CA GLN A 215 -28.44 -10.48 5.70
C GLN A 215 -28.34 -10.08 4.22
N ASN A 216 -27.12 -9.81 3.76
CA ASN A 216 -26.81 -9.53 2.34
C ASN A 216 -27.02 -8.06 1.87
N LYS A 217 -27.19 -7.14 2.81
CA LYS A 217 -26.95 -5.75 2.50
C LYS A 217 -26.79 -4.91 3.75
N CYS A 218 -25.83 -3.99 3.70
CA CYS A 218 -25.61 -3.05 4.79
C CYS A 218 -26.11 -1.67 4.42
N ASN A 219 -26.54 -0.90 5.42
CA ASN A 219 -26.73 0.53 5.24
C ASN A 219 -25.79 1.23 6.20
N PHE A 220 -24.67 1.70 5.66
CA PHE A 220 -23.76 2.55 6.40
C PHE A 220 -23.89 4.00 5.95
N TYR A 221 -24.84 4.29 5.06
CA TYR A 221 -25.05 5.64 4.54
C TYR A 221 -25.95 6.49 5.46
N ASP A 222 -27.20 6.11 5.59
CA ASP A 222 -28.20 6.95 6.28
C ASP A 222 -29.01 6.12 7.25
N ASN A 223 -28.37 5.13 7.84
CA ASN A 223 -29.04 4.22 8.76
C ASN A 223 -29.51 4.93 10.01
N LYS A 224 -30.74 4.65 10.42
CA LYS A 224 -31.36 5.35 11.55
C LYS A 224 -31.23 4.59 12.86
N ASP A 225 -30.72 3.37 12.81
CA ASP A 225 -30.47 2.62 14.03
C ASP A 225 -29.44 3.37 14.86
N LEU A 226 -29.81 3.72 16.08
CA LEU A 226 -28.98 4.57 16.95
C LEU A 226 -27.68 3.88 17.38
N GLU A 227 -27.73 2.55 17.51
CA GLU A 227 -26.53 1.78 17.77
C GLU A 227 -25.65 1.68 16.55
N CYS A 228 -26.25 1.69 15.36
CA CYS A 228 -25.46 1.77 14.12
C CYS A 228 -24.72 3.10 14.06
N VAL A 229 -25.43 4.19 14.37
CA VAL A 229 -24.81 5.51 14.33
C VAL A 229 -23.60 5.64 15.23
N THR A 230 -23.70 5.11 16.45
CA THR A 230 -22.59 5.19 17.39
C THR A 230 -21.36 4.51 16.82
N ASN A 231 -21.55 3.42 16.08
CA ASN A 231 -20.46 2.69 15.46
C ASN A 231 -19.94 3.34 14.21
N LEU A 232 -20.84 3.84 13.38
CA LEU A 232 -20.40 4.60 12.20
C LEU A 232 -19.53 5.77 12.65
N GLN A 233 -19.92 6.41 13.75
CA GLN A 233 -19.13 7.51 14.31
C GLN A 233 -17.73 7.06 14.71
N GLU A 234 -17.64 5.88 15.31
CA GLU A 234 -16.36 5.31 15.65
C GLU A 234 -15.52 5.11 14.37
N VAL A 235 -16.11 4.48 13.35
CA VAL A 235 -15.43 4.32 12.05
C VAL A 235 -14.99 5.67 11.51
N ALA A 236 -15.91 6.63 11.46
CA ALA A 236 -15.54 7.98 11.03
C ALA A 236 -14.32 8.51 11.81
N ARG A 237 -14.26 8.26 13.11
CA ARG A 237 -13.13 8.71 13.92
C ARG A 237 -11.83 7.99 13.57
N ILE A 238 -11.91 6.70 13.30
CA ILE A 238 -10.70 5.93 13.01
C ILE A 238 -10.13 6.36 11.67
N VAL A 239 -10.99 6.42 10.68
CA VAL A 239 -10.59 6.71 9.32
C VAL A 239 -10.08 8.14 9.17
N GLY A 240 -10.88 9.09 9.64
CA GLY A 240 -10.67 10.49 9.32
C GLY A 240 -10.00 11.32 10.38
N ASN A 241 -10.00 10.85 11.62
CA ASN A 241 -9.69 11.74 12.72
C ASN A 241 -8.80 11.15 13.79
N SER A 242 -7.84 10.33 13.40
CA SER A 242 -7.02 9.63 14.38
C SER A 242 -5.58 9.43 13.97
N GLY A 243 -5.10 10.11 12.92
CA GLY A 243 -3.70 10.06 12.53
C GLY A 243 -3.35 9.43 11.18
N LEU A 244 -4.29 8.70 10.59
CA LEU A 244 -4.06 8.09 9.28
C LEU A 244 -4.14 9.12 8.18
N ASN A 245 -3.51 8.81 7.05
CA ASN A 245 -3.58 9.68 5.91
C ASN A 245 -4.75 9.26 5.02
N ILE A 246 -5.86 9.99 5.15
CA ILE A 246 -7.10 9.66 4.46
C ILE A 246 -6.93 9.66 2.93
N TYR A 247 -6.00 10.48 2.44
CA TYR A 247 -5.71 10.57 1.02
C TYR A 247 -4.89 9.35 0.56
N ASN A 248 -4.12 8.78 1.46
CA ASN A 248 -3.25 7.67 1.12
C ASN A 248 -2.86 6.93 2.40
N LEU A 249 -3.54 5.82 2.64
CA LEU A 249 -3.42 5.05 3.87
C LEU A 249 -2.04 4.58 4.25
N TYR A 250 -1.17 4.37 3.26
CA TYR A 250 0.17 3.84 3.55
C TYR A 250 1.25 4.91 3.59
N ALA A 251 0.81 6.16 3.49
CA ALA A 251 1.68 7.32 3.59
C ALA A 251 1.60 7.97 4.96
N PRO A 252 2.72 8.54 5.43
CA PRO A 252 2.69 9.28 6.69
C PRO A 252 1.84 10.53 6.58
N CYS A 253 1.27 10.97 7.69
CA CYS A 253 0.44 12.16 7.71
C CYS A 253 1.33 13.36 7.92
N ALA A 254 1.34 14.28 6.97
CA ALA A 254 2.14 15.49 7.08
C ALA A 254 1.97 16.22 8.43
N GLY A 255 3.05 16.30 9.20
CA GLY A 255 3.07 17.10 10.41
C GLY A 255 2.48 16.43 11.63
N GLY A 256 2.87 15.18 11.85
CA GLY A 256 2.56 14.47 13.09
C GLY A 256 1.11 14.13 13.30
N VAL A 257 0.83 13.44 14.40
CA VAL A 257 -0.52 13.00 14.69
C VAL A 257 -1.19 13.89 15.78
N PRO A 258 -2.24 14.64 15.40
CA PRO A 258 -2.82 15.68 16.27
C PRO A 258 -3.00 15.29 17.74
N ARG A 268 -6.73 29.05 8.45
CA ARG A 268 -6.61 28.57 7.08
C ARG A 268 -6.92 27.08 6.98
N MET A 269 -7.65 26.70 5.94
CA MET A 269 -7.99 25.30 5.70
C MET A 269 -7.04 24.73 4.66
N ASP A 270 -6.13 23.88 5.12
CA ASP A 270 -5.41 23.00 4.23
C ASP A 270 -6.27 21.75 4.12
N PRO A 271 -6.04 20.94 3.07
CA PRO A 271 -6.54 19.58 3.11
C PRO A 271 -5.84 18.83 4.24
N PRO A 272 -6.49 17.81 4.81
CA PRO A 272 -5.86 17.15 5.95
C PRO A 272 -4.68 16.28 5.54
N CYS A 273 -3.73 16.14 6.47
CA CYS A 273 -2.48 15.40 6.24
C CYS A 273 -1.67 15.89 5.04
N THR A 274 -1.92 17.12 4.61
CA THR A 274 -1.29 17.68 3.43
C THR A 274 -0.46 18.92 3.77
N ASN A 275 0.81 18.92 3.36
CA ASN A 275 1.66 20.12 3.46
C ASN A 275 1.49 20.96 2.20
N THR A 276 1.03 22.19 2.35
CA THR A 276 0.81 23.08 1.20
C THR A 276 1.81 24.23 1.19
N THR A 277 2.90 24.09 1.92
CA THR A 277 3.87 25.16 2.03
C THR A 277 4.54 25.42 0.71
N ALA A 278 5.10 24.37 0.10
CA ALA A 278 5.85 24.51 -1.15
C ALA A 278 5.12 25.38 -2.18
N ALA A 279 3.88 25.05 -2.46
CA ALA A 279 3.12 25.73 -3.51
C ALA A 279 2.73 27.14 -3.11
N SER A 280 2.28 27.29 -1.86
CA SER A 280 1.88 28.60 -1.34
C SER A 280 3.04 29.58 -1.33
N THR A 281 4.15 29.15 -0.76
CA THR A 281 5.36 29.94 -0.78
C THR A 281 5.64 30.43 -2.18
N TYR A 282 5.49 29.54 -3.16
CA TYR A 282 5.82 29.89 -4.54
C TYR A 282 4.85 30.92 -5.08
N LEU A 283 3.57 30.59 -5.07
CA LEU A 283 2.55 31.44 -5.70
C LEU A 283 2.31 32.81 -5.02
N ASN A 284 2.69 32.96 -3.76
CA ASN A 284 2.57 34.26 -3.08
C ASN A 284 3.76 35.19 -3.32
N ASN A 285 4.83 34.66 -3.89
CA ASN A 285 5.93 35.48 -4.38
C ASN A 285 5.38 36.58 -5.28
N PRO A 286 5.54 37.85 -4.88
CA PRO A 286 4.98 38.96 -5.68
C PRO A 286 5.38 38.92 -7.16
N TYR A 287 6.59 38.45 -7.44
CA TYR A 287 7.07 38.34 -8.81
C TYR A 287 6.32 37.25 -9.59
N VAL A 288 5.97 36.17 -8.92
CA VAL A 288 5.16 35.12 -9.55
C VAL A 288 3.75 35.63 -9.88
N ARG A 289 3.13 36.34 -8.95
CA ARG A 289 1.82 36.96 -9.19
C ARG A 289 1.87 37.88 -10.41
N LYS A 290 2.93 38.68 -10.49
CA LYS A 290 3.15 39.61 -11.61
C LYS A 290 3.30 38.85 -12.93
N ALA A 291 4.09 37.78 -12.92
CA ALA A 291 4.35 36.95 -14.10
C ALA A 291 3.08 36.30 -14.60
N LEU A 292 2.16 36.04 -13.68
CA LEU A 292 0.87 35.41 -13.94
C LEU A 292 -0.25 36.42 -14.02
N ASN A 293 0.10 37.69 -14.22
CA ASN A 293 -0.89 38.74 -14.48
C ASN A 293 -1.99 38.76 -13.42
N ILE A 294 -1.60 38.59 -12.16
CA ILE A 294 -2.56 38.63 -11.07
C ILE A 294 -2.63 40.06 -10.59
N PRO A 295 -3.84 40.60 -10.47
CA PRO A 295 -3.96 41.93 -9.89
C PRO A 295 -3.49 41.95 -8.44
N GLU A 296 -2.83 43.04 -8.06
CA GLU A 296 -2.18 43.16 -6.76
C GLU A 296 -3.12 43.09 -5.57
N GLN A 297 -4.26 43.77 -5.66
CA GLN A 297 -5.17 43.91 -4.50
C GLN A 297 -5.75 42.62 -3.98
N LEU A 298 -5.66 41.53 -4.75
CA LEU A 298 -6.26 40.26 -4.35
C LEU A 298 -5.55 39.64 -3.16
N PRO A 299 -6.30 38.93 -2.30
CA PRO A 299 -5.72 38.31 -1.11
C PRO A 299 -4.70 37.26 -1.43
N GLN A 300 -3.99 36.79 -0.41
CA GLN A 300 -2.95 35.80 -0.62
C GLN A 300 -3.55 34.54 -1.23
N TRP A 301 -2.73 33.75 -1.90
CA TRP A 301 -3.16 32.46 -2.42
C TRP A 301 -3.11 31.39 -1.33
N ASP A 302 -4.18 30.59 -1.27
CA ASP A 302 -4.28 29.39 -0.46
C ASP A 302 -4.75 28.26 -1.36
N MET A 303 -4.23 27.06 -1.12
CA MET A 303 -4.66 25.90 -1.89
C MET A 303 -6.16 25.70 -1.76
N CYS A 304 -6.73 25.90 -0.58
CA CYS A 304 -8.20 25.92 -0.44
C CYS A 304 -8.69 27.14 0.30
N ASN A 305 -9.95 27.48 0.05
CA ASN A 305 -10.63 28.57 0.71
C ASN A 305 -11.66 28.00 1.67
N PHE A 306 -11.41 28.20 2.97
CA PHE A 306 -12.35 27.80 4.03
C PHE A 306 -13.74 28.41 3.85
N LEU A 307 -13.80 29.69 3.47
CA LEU A 307 -15.08 30.35 3.23
C LEU A 307 -15.88 29.55 2.21
N VAL A 308 -15.31 29.40 1.02
CA VAL A 308 -15.96 28.66 -0.05
C VAL A 308 -16.47 27.34 0.48
N ASN A 309 -15.57 26.56 1.05
CA ASN A 309 -15.91 25.23 1.51
C ASN A 309 -17.02 25.27 2.54
N LEU A 310 -16.85 26.09 3.57
CA LEU A 310 -17.86 26.21 4.63
C LEU A 310 -19.21 26.73 4.16
N GLN A 311 -19.20 27.64 3.20
CA GLN A 311 -20.43 28.22 2.67
C GLN A 311 -21.02 27.44 1.52
N TYR A 312 -20.47 26.28 1.19
CA TYR A 312 -20.84 25.56 -0.02
C TYR A 312 -22.02 24.65 0.20
N ARG A 313 -22.99 24.72 -0.71
CA ARG A 313 -24.21 23.95 -0.64
C ARG A 313 -24.22 22.80 -1.66
N ARG A 314 -24.18 21.57 -1.16
CA ARG A 314 -24.12 20.37 -2.00
C ARG A 314 -25.52 19.90 -2.36
N LEU A 315 -25.81 19.81 -3.66
CA LEU A 315 -27.17 19.51 -4.12
C LEU A 315 -27.30 18.14 -4.71
N TYR A 316 -26.40 17.79 -5.62
CA TYR A 316 -26.44 16.45 -6.21
C TYR A 316 -25.85 15.42 -5.25
N ARG A 317 -26.60 14.35 -5.09
CA ARG A 317 -26.29 13.27 -4.17
C ARG A 317 -25.71 12.07 -4.94
N SER A 318 -25.82 12.10 -6.26
CA SER A 318 -25.34 11.00 -7.12
C SER A 318 -25.27 11.47 -8.58
N MET A 319 -24.24 11.04 -9.28
CA MET A 319 -24.05 11.45 -10.68
C MET A 319 -24.57 10.44 -11.68
N ASN A 320 -25.34 9.49 -11.18
CA ASN A 320 -25.98 8.52 -12.04
C ASN A 320 -26.75 9.12 -13.25
N SER A 321 -27.58 10.13 -13.02
CA SER A 321 -28.31 10.74 -14.12
C SER A 321 -27.37 11.31 -15.15
N GLN A 322 -26.45 12.13 -14.69
CA GLN A 322 -25.61 12.89 -15.57
C GLN A 322 -24.82 11.96 -16.48
N TYR A 323 -24.38 10.83 -15.94
CA TYR A 323 -23.51 9.92 -16.69
C TYR A 323 -24.31 9.17 -17.74
N LEU A 324 -25.50 8.70 -17.37
CA LEU A 324 -26.38 8.05 -18.33
C LEU A 324 -26.78 9.04 -19.42
N LYS A 325 -27.08 10.25 -19.00
CA LYS A 325 -27.40 11.32 -19.92
C LYS A 325 -26.24 11.62 -20.88
N LEU A 326 -25.00 11.45 -20.40
CA LEU A 326 -23.83 11.64 -21.24
C LEU A 326 -23.55 10.39 -22.07
N LEU A 327 -23.96 9.23 -21.56
CA LEU A 327 -23.72 7.99 -22.26
C LEU A 327 -24.73 7.70 -23.35
N SER A 328 -25.95 8.20 -23.18
CA SER A 328 -27.03 7.96 -24.14
C SER A 328 -26.64 8.42 -25.54
N SER A 329 -26.07 9.62 -25.63
CA SER A 329 -25.63 10.17 -26.92
C SER A 329 -24.61 9.27 -27.59
N GLN A 330 -23.71 8.71 -26.79
CA GLN A 330 -22.61 7.87 -27.27
C GLN A 330 -21.59 8.58 -28.17
N LYS A 331 -21.48 9.88 -28.02
CA LYS A 331 -20.39 10.61 -28.66
C LYS A 331 -19.18 10.72 -27.72
N TYR A 332 -19.36 10.36 -26.45
CA TYR A 332 -18.40 10.74 -25.42
C TYR A 332 -17.67 9.57 -24.76
N GLN A 333 -16.34 9.69 -24.70
CA GLN A 333 -15.48 8.67 -24.11
C GLN A 333 -15.17 9.01 -22.64
N ILE A 334 -15.64 8.19 -21.71
CA ILE A 334 -15.57 8.48 -20.27
C ILE A 334 -14.64 7.55 -19.51
N LEU A 335 -13.83 8.11 -18.60
CA LEU A 335 -12.95 7.33 -17.71
C LEU A 335 -13.08 7.73 -16.27
N LEU A 336 -13.25 6.75 -15.42
CA LEU A 336 -13.14 6.96 -14.00
C LEU A 336 -11.95 6.15 -13.57
N TYR A 337 -11.00 6.82 -12.94
CA TYR A 337 -9.83 6.14 -12.40
C TYR A 337 -9.67 6.46 -10.93
N ASN A 338 -9.09 5.52 -10.18
CA ASN A 338 -8.97 5.66 -8.73
C ASN A 338 -7.66 5.08 -8.19
N GLY A 339 -6.99 5.81 -7.30
CA GLY A 339 -5.94 5.25 -6.49
C GLY A 339 -6.52 4.26 -5.49
N ASP A 340 -5.95 3.06 -5.44
CA ASP A 340 -6.56 2.00 -4.61
C ASP A 340 -6.12 1.97 -3.13
N VAL A 341 -5.39 2.98 -2.69
CA VAL A 341 -5.09 3.16 -1.28
C VAL A 341 -5.60 4.52 -0.74
N ASP A 342 -6.52 5.14 -1.48
CA ASP A 342 -7.20 6.36 -1.04
C ASP A 342 -8.47 6.02 -0.24
N MET A 343 -8.73 6.78 0.82
CA MET A 343 -9.94 6.59 1.64
C MET A 343 -10.90 7.76 1.55
N ALA A 344 -10.44 8.88 1.00
CA ALA A 344 -11.33 9.99 0.66
C ALA A 344 -12.38 9.59 -0.37
N CYS A 345 -11.97 9.00 -1.48
CA CYS A 345 -12.90 8.51 -2.52
C CYS A 345 -12.50 7.13 -3.00
N ASN A 346 -12.75 6.11 -2.18
CA ASN A 346 -12.08 4.85 -2.36
C ASN A 346 -12.46 4.22 -3.68
N PHE A 347 -11.56 3.40 -4.23
CA PHE A 347 -11.73 2.82 -5.58
C PHE A 347 -13.01 1.99 -5.72
N MET A 348 -13.38 1.28 -4.67
CA MET A 348 -14.52 0.39 -4.79
C MET A 348 -15.82 1.14 -4.98
N GLY A 349 -15.98 2.24 -4.25
CA GLY A 349 -17.17 3.08 -4.37
C GLY A 349 -17.41 3.40 -5.82
N ASP A 350 -16.36 3.85 -6.51
CA ASP A 350 -16.49 4.18 -7.93
C ASP A 350 -16.61 2.97 -8.85
N GLU A 351 -15.97 1.85 -8.50
CA GLU A 351 -16.20 0.63 -9.25
C GLU A 351 -17.66 0.20 -9.16
N TRP A 352 -18.24 0.26 -7.95
CA TRP A 352 -19.67 0.01 -7.77
C TRP A 352 -20.51 0.99 -8.55
N PHE A 353 -20.12 2.26 -8.52
CA PHE A 353 -20.86 3.28 -9.22
C PHE A 353 -20.90 3.02 -10.72
N VAL A 354 -19.75 2.71 -11.30
CA VAL A 354 -19.68 2.42 -12.73
C VAL A 354 -20.47 1.16 -13.05
N ASP A 355 -20.19 0.06 -12.34
CA ASP A 355 -20.90 -1.22 -12.54
C ASP A 355 -22.40 -1.03 -12.50
N SER A 356 -22.87 -0.18 -11.60
CA SER A 356 -24.32 0.07 -11.46
C SER A 356 -24.87 1.06 -12.51
N LEU A 357 -24.05 1.54 -13.44
CA LEU A 357 -24.56 2.23 -14.61
C LEU A 357 -25.21 1.29 -15.65
N ASN A 358 -24.96 -0.01 -15.55
CA ASN A 358 -25.45 -1.01 -16.52
C ASN A 358 -25.20 -0.59 -17.97
N GLN A 359 -23.96 -0.69 -18.40
CA GLN A 359 -23.63 -0.44 -19.78
C GLN A 359 -23.24 -1.76 -20.38
N LYS A 360 -23.15 -1.81 -21.70
CA LYS A 360 -22.75 -3.03 -22.38
C LYS A 360 -21.27 -3.29 -22.15
N MET A 361 -20.98 -4.35 -21.41
CA MET A 361 -19.61 -4.76 -21.16
C MET A 361 -18.91 -5.02 -22.48
N GLU A 362 -17.70 -4.47 -22.60
CA GLU A 362 -16.86 -4.75 -23.74
C GLU A 362 -15.70 -5.63 -23.29
N VAL A 363 -14.65 -5.04 -22.75
CA VAL A 363 -13.53 -5.81 -22.23
C VAL A 363 -13.79 -6.22 -20.79
N GLN A 364 -13.60 -7.51 -20.51
CA GLN A 364 -13.72 -8.03 -19.14
C GLN A 364 -12.62 -7.46 -18.27
N ARG A 365 -12.77 -7.55 -16.95
CA ARG A 365 -11.82 -6.95 -16.02
C ARG A 365 -10.47 -7.64 -16.05
N ARG A 366 -9.40 -6.88 -16.27
CA ARG A 366 -8.06 -7.45 -16.32
C ARG A 366 -7.01 -6.48 -15.78
N PRO A 367 -5.74 -6.93 -15.65
CA PRO A 367 -4.58 -6.09 -15.40
C PRO A 367 -4.33 -5.08 -16.49
N TRP A 368 -3.54 -4.05 -16.20
CA TRP A 368 -2.93 -3.23 -17.24
C TRP A 368 -1.52 -2.85 -16.82
N LEU A 369 -0.61 -2.79 -17.79
CA LEU A 369 0.82 -2.75 -17.49
C LEU A 369 1.49 -1.41 -17.79
N VAL A 370 2.66 -1.23 -17.20
CA VAL A 370 3.51 -0.07 -17.47
C VAL A 370 4.95 -0.57 -17.50
N LYS A 371 5.74 -0.02 -18.41
CA LYS A 371 7.15 -0.37 -18.52
C LYS A 371 7.97 0.56 -17.66
N TYR A 372 8.82 0.01 -16.80
CA TYR A 372 9.71 0.81 -15.97
C TYR A 372 11.17 0.55 -16.31
N GLY A 373 12.03 1.52 -15.98
CA GLY A 373 13.48 1.38 -16.15
C GLY A 373 14.04 0.29 -15.25
N ASP A 374 14.59 -0.76 -15.86
CA ASP A 374 15.15 -1.92 -15.16
C ASP A 374 14.09 -2.91 -14.68
N SER A 375 13.04 -2.41 -14.02
CA SER A 375 11.97 -3.25 -13.49
C SER A 375 11.18 -4.04 -14.55
N GLY A 376 11.26 -3.62 -15.81
CA GLY A 376 10.47 -4.26 -16.87
C GLY A 376 9.00 -3.88 -16.75
N GLU A 377 8.13 -4.67 -17.34
CA GLU A 377 6.71 -4.41 -17.25
C GLU A 377 6.16 -4.78 -15.86
N GLN A 378 5.28 -3.92 -15.35
CA GLN A 378 4.62 -4.18 -14.09
C GLN A 378 3.14 -3.94 -14.21
N ILE A 379 2.41 -4.43 -13.23
CA ILE A 379 0.99 -4.18 -13.15
C ILE A 379 0.77 -2.82 -12.49
N ALA A 380 0.18 -1.89 -13.23
CA ALA A 380 -0.10 -0.55 -12.71
C ALA A 380 -1.46 -0.49 -12.03
N GLY A 381 -2.35 -1.39 -12.43
CA GLY A 381 -3.66 -1.51 -11.82
C GLY A 381 -4.57 -2.45 -12.61
N PHE A 382 -5.87 -2.34 -12.39
CA PHE A 382 -6.86 -3.14 -13.10
C PHE A 382 -7.82 -2.26 -13.86
N VAL A 383 -8.33 -2.77 -14.99
CA VAL A 383 -9.27 -2.02 -15.83
C VAL A 383 -10.45 -2.87 -16.30
N LYS A 384 -11.64 -2.26 -16.29
CA LYS A 384 -12.90 -2.90 -16.64
C LYS A 384 -13.56 -1.98 -17.64
N GLU A 385 -13.66 -2.37 -18.90
CA GLU A 385 -14.25 -1.49 -19.93
C GLU A 385 -15.71 -1.81 -20.27
N PHE A 386 -16.49 -0.76 -20.49
CA PHE A 386 -17.81 -0.84 -21.08
C PHE A 386 -17.77 0.00 -22.37
N SER A 387 -18.84 0.01 -23.16
CA SER A 387 -18.85 0.86 -24.34
C SER A 387 -18.90 2.33 -23.88
N HIS A 388 -17.83 3.04 -24.21
CA HIS A 388 -17.70 4.47 -23.93
C HIS A 388 -17.36 4.82 -22.49
N ILE A 389 -17.34 3.84 -21.59
CA ILE A 389 -16.99 4.13 -20.21
C ILE A 389 -16.14 3.02 -19.60
N ALA A 390 -15.00 3.43 -19.06
CA ALA A 390 -14.05 2.51 -18.47
C ALA A 390 -13.88 2.85 -17.02
N PHE A 391 -13.71 1.83 -16.17
CA PHE A 391 -13.19 2.03 -14.82
C PHE A 391 -11.80 1.46 -14.69
N LEU A 392 -10.94 2.14 -13.95
CA LEU A 392 -9.57 1.73 -13.89
C LEU A 392 -8.95 2.15 -12.56
N THR A 393 -8.14 1.27 -11.96
CA THR A 393 -7.42 1.59 -10.72
C THR A 393 -5.95 1.84 -10.97
N ILE A 394 -5.32 2.53 -10.02
CA ILE A 394 -3.88 2.69 -9.99
C ILE A 394 -3.32 2.11 -8.70
N LYS A 395 -2.74 0.93 -8.81
CA LYS A 395 -2.34 0.17 -7.66
C LYS A 395 -1.29 0.93 -6.86
N GLY A 396 -1.50 1.01 -5.56
CA GLY A 396 -0.59 1.74 -4.68
C GLY A 396 -0.59 3.25 -4.82
N ALA A 397 -1.62 3.83 -5.43
CA ALA A 397 -1.71 5.28 -5.53
C ALA A 397 -2.83 5.80 -4.63
N GLY A 398 -2.66 7.02 -4.14
CA GLY A 398 -3.62 7.62 -3.26
C GLY A 398 -4.57 8.51 -4.01
N HIS A 399 -5.14 9.46 -3.27
CA HIS A 399 -6.12 10.42 -3.76
C HIS A 399 -5.60 11.22 -4.94
N MET A 400 -4.29 11.45 -4.99
CA MET A 400 -3.70 12.25 -6.06
C MET A 400 -2.78 11.40 -6.89
N VAL A 401 -3.39 10.74 -7.85
CA VAL A 401 -2.74 9.71 -8.67
C VAL A 401 -1.44 10.20 -9.31
N PRO A 402 -1.48 11.30 -10.07
CA PRO A 402 -0.27 11.77 -10.75
C PRO A 402 0.92 12.07 -9.85
N THR A 403 0.66 12.34 -8.56
CA THR A 403 1.72 12.56 -7.57
C THR A 403 2.32 11.24 -7.10
N ASP A 404 1.45 10.34 -6.68
CA ASP A 404 1.90 9.05 -6.19
C ASP A 404 2.49 8.18 -7.34
N LYS A 405 1.87 8.20 -8.53
CA LYS A 405 2.31 7.37 -9.68
C LYS A 405 2.22 8.18 -10.97
N PRO A 406 3.20 9.07 -11.21
CA PRO A 406 3.14 9.90 -12.42
C PRO A 406 3.16 9.08 -13.73
N LEU A 407 4.08 8.15 -13.85
CA LEU A 407 4.24 7.43 -15.11
C LEU A 407 2.97 6.68 -15.45
N ALA A 408 2.42 5.98 -14.47
CA ALA A 408 1.16 5.27 -14.66
C ALA A 408 0.07 6.23 -15.03
N ALA A 409 0.05 7.39 -14.37
CA ALA A 409 -0.97 8.41 -14.64
C ALA A 409 -0.85 8.96 -16.05
N PHE A 410 0.37 9.13 -16.51
CA PHE A 410 0.61 9.64 -17.86
C PHE A 410 0.17 8.61 -18.89
N THR A 411 0.61 7.37 -18.69
CA THR A 411 0.26 6.27 -19.59
C THR A 411 -1.24 6.18 -19.75
N MET A 412 -1.93 6.15 -18.62
CA MET A 412 -3.39 6.06 -18.58
C MET A 412 -3.98 7.17 -19.43
N PHE A 413 -3.55 8.37 -19.14
CA PHE A 413 -4.04 9.57 -19.80
C PHE A 413 -3.76 9.57 -21.30
N SER A 414 -2.52 9.26 -21.66
CA SER A 414 -2.13 9.11 -23.07
C SER A 414 -2.98 8.12 -23.83
N ARG A 415 -3.22 6.98 -23.20
CA ARG A 415 -4.07 5.94 -23.79
C ARG A 415 -5.54 6.33 -23.83
N PHE A 416 -5.93 7.26 -22.97
CA PHE A 416 -7.31 7.76 -22.91
C PHE A 416 -7.48 8.73 -24.05
N LEU A 417 -6.62 9.74 -24.10
CA LEU A 417 -6.65 10.72 -25.19
C LEU A 417 -6.65 10.08 -26.58
N ASN A 418 -5.86 9.03 -26.74
CA ASN A 418 -5.69 8.37 -28.01
C ASN A 418 -6.64 7.19 -28.26
N LYS A 419 -7.82 7.19 -27.65
CA LYS A 419 -8.82 6.14 -27.88
C LYS A 419 -8.23 4.73 -27.91
N GLN A 420 -7.20 4.50 -27.11
CA GLN A 420 -6.45 3.24 -27.15
C GLN A 420 -6.80 2.33 -25.99
N PRO A 421 -6.61 1.01 -26.16
CA PRO A 421 -6.81 0.08 -25.04
C PRO A 421 -5.74 0.28 -23.98
N TYR A 422 -6.11 0.16 -22.71
CA TYR A 422 -5.21 0.52 -21.61
C TYR A 422 -4.21 -0.59 -21.30
N ALA B 1 31.01 -21.47 24.70
CA ALA B 1 31.18 -21.08 23.28
C ALA B 1 32.26 -21.93 22.58
N PRO B 2 31.90 -22.57 21.44
CA PRO B 2 32.88 -23.28 20.63
C PRO B 2 33.76 -22.31 19.87
N ASP B 3 35.01 -22.21 20.29
CA ASP B 3 35.93 -21.19 19.81
C ASP B 3 36.16 -21.32 18.30
N GLN B 4 36.29 -22.56 17.82
CA GLN B 4 36.57 -22.85 16.41
C GLN B 4 35.46 -22.37 15.47
N ASP B 5 34.25 -22.29 15.99
CA ASP B 5 33.13 -21.74 15.26
C ASP B 5 33.12 -20.21 15.21
N GLU B 6 33.96 -19.55 16.00
CA GLU B 6 33.97 -18.09 16.01
C GLU B 6 34.26 -17.59 14.60
N ILE B 7 33.60 -16.51 14.22
CA ILE B 7 33.78 -15.89 12.92
C ILE B 7 34.78 -14.77 13.08
N GLN B 8 35.90 -14.88 12.38
CA GLN B 8 37.00 -13.97 12.59
C GLN B 8 36.84 -12.69 11.77
N ARG B 9 37.15 -12.75 10.49
CA ARG B 9 37.04 -11.59 9.62
C ARG B 9 36.08 -11.91 8.50
N LEU B 10 34.98 -11.18 8.47
CA LEU B 10 33.93 -11.45 7.52
C LEU B 10 34.03 -10.55 6.28
N PRO B 11 34.30 -11.13 5.10
CA PRO B 11 34.46 -10.34 3.88
C PRO B 11 33.30 -9.39 3.59
N GLY B 12 33.59 -8.14 3.26
CA GLY B 12 32.56 -7.17 2.91
C GLY B 12 32.27 -6.16 4.01
N LEU B 13 32.91 -6.33 5.17
CA LEU B 13 32.85 -5.34 6.23
C LEU B 13 34.02 -4.38 6.17
N ALA B 14 33.74 -3.09 6.17
CA ALA B 14 34.78 -2.09 6.26
C ALA B 14 35.45 -2.18 7.62
N LYS B 15 34.66 -2.15 8.69
CA LYS B 15 35.21 -2.27 10.05
C LYS B 15 34.55 -3.40 10.81
N GLN B 16 35.36 -4.12 11.59
CA GLN B 16 34.93 -5.36 12.23
C GLN B 16 33.91 -5.11 13.31
N PRO B 17 33.06 -6.12 13.59
CA PRO B 17 31.99 -6.03 14.59
C PRO B 17 32.51 -5.82 15.99
N SER B 18 31.75 -5.07 16.78
CA SER B 18 32.05 -4.87 18.18
C SER B 18 31.60 -6.06 19.05
N PHE B 19 30.92 -7.03 18.43
CA PHE B 19 30.32 -8.15 19.13
C PHE B 19 30.87 -9.46 18.57
N ARG B 20 30.89 -10.49 19.40
CA ARG B 20 31.26 -11.80 18.93
C ARG B 20 30.12 -12.43 18.11
N GLN B 21 30.50 -13.27 17.15
CA GLN B 21 29.58 -14.05 16.36
C GLN B 21 30.21 -15.37 15.94
N TYR B 22 29.40 -16.43 15.95
CA TYR B 22 29.86 -17.77 15.70
C TYR B 22 29.07 -18.38 14.55
N SER B 23 29.71 -19.24 13.77
CA SER B 23 29.03 -19.98 12.70
C SER B 23 29.53 -21.40 12.61
N GLY B 24 28.63 -22.37 12.72
CA GLY B 24 28.98 -23.78 12.69
C GLY B 24 27.77 -24.68 12.61
N TYR B 25 27.86 -25.88 13.20
CA TYR B 25 26.82 -26.92 13.04
C TYR B 25 26.25 -27.49 14.33
N LEU B 26 24.93 -27.59 14.38
CA LEU B 26 24.24 -28.19 15.50
C LEU B 26 23.74 -29.56 15.08
N LYS B 27 23.85 -30.52 15.98
CA LYS B 27 23.35 -31.86 15.71
C LYS B 27 21.84 -31.90 15.85
N GLY B 28 21.16 -32.46 14.86
CA GLY B 28 19.71 -32.67 14.97
C GLY B 28 19.43 -34.15 15.23
N SER B 29 18.32 -34.65 14.73
CA SER B 29 18.05 -36.08 14.80
C SER B 29 18.92 -36.80 13.79
N GLY B 30 19.00 -38.14 13.92
CA GLY B 30 19.73 -38.98 12.97
C GLY B 30 21.09 -38.42 12.64
N SER B 31 21.42 -38.40 11.34
CA SER B 31 22.69 -37.88 10.88
C SER B 31 22.55 -36.50 10.23
N LYS B 32 21.66 -35.68 10.78
CA LYS B 32 21.42 -34.33 10.26
C LYS B 32 22.25 -33.23 10.97
N HIS B 33 22.78 -32.29 10.21
CA HIS B 33 23.63 -31.24 10.75
C HIS B 33 23.19 -29.87 10.25
N LEU B 34 22.67 -29.05 11.17
CA LEU B 34 22.10 -27.75 10.81
C LEU B 34 23.10 -26.63 10.99
N HIS B 35 23.29 -25.83 9.94
CA HIS B 35 24.17 -24.68 10.02
C HIS B 35 23.51 -23.57 10.82
N TYR B 36 24.25 -22.99 11.75
CA TYR B 36 23.78 -21.88 12.55
C TYR B 36 24.70 -20.69 12.39
N TRP B 37 24.15 -19.51 12.68
CA TRP B 37 24.89 -18.25 12.70
C TRP B 37 24.35 -17.45 13.89
N PHE B 38 25.20 -17.28 14.89
CA PHE B 38 24.82 -16.69 16.17
C PHE B 38 25.47 -15.33 16.29
N VAL B 39 24.67 -14.28 16.43
CA VAL B 39 25.21 -12.92 16.64
C VAL B 39 24.91 -12.39 18.05
N GLU B 40 25.96 -12.21 18.84
CA GLU B 40 25.82 -11.77 20.22
C GLU B 40 25.17 -10.40 20.30
N SER B 41 24.37 -10.16 21.34
CA SER B 41 23.80 -8.84 21.56
C SER B 41 24.88 -7.78 21.55
N GLN B 42 24.64 -6.69 20.84
CA GLN B 42 25.59 -5.58 20.80
C GLN B 42 25.67 -4.89 22.16
N LYS B 43 24.71 -5.16 23.04
CA LYS B 43 24.61 -4.52 24.35
C LYS B 43 24.43 -5.60 25.42
N ASP B 44 25.53 -5.98 26.04
CA ASP B 44 25.54 -6.91 27.15
C ASP B 44 24.93 -8.28 26.83
N PRO B 45 25.69 -9.10 26.10
CA PRO B 45 25.34 -10.47 25.81
C PRO B 45 24.87 -11.27 27.03
N GLU B 46 25.62 -11.18 28.13
CA GLU B 46 25.33 -11.96 29.33
C GLU B 46 23.94 -11.72 29.94
N ASN B 47 23.32 -10.60 29.60
CA ASN B 47 21.99 -10.25 30.10
C ASN B 47 20.99 -9.87 29.02
N SER B 48 21.38 -10.01 27.75
CA SER B 48 20.43 -9.90 26.65
C SER B 48 19.84 -11.29 26.37
N PRO B 49 18.56 -11.36 25.96
CA PRO B 49 17.93 -12.67 25.73
C PRO B 49 18.50 -13.45 24.55
N VAL B 50 18.00 -14.68 24.40
CA VAL B 50 18.37 -15.56 23.32
C VAL B 50 17.18 -15.74 22.40
N VAL B 51 17.35 -15.30 21.16
CA VAL B 51 16.31 -15.35 20.14
C VAL B 51 16.67 -16.34 19.03
N LEU B 52 15.79 -17.30 18.77
CA LEU B 52 15.92 -18.18 17.64
C LEU B 52 15.10 -17.57 16.51
N TRP B 53 15.69 -17.44 15.33
CA TRP B 53 14.96 -16.96 14.18
C TRP B 53 14.91 -18.06 13.13
N LEU B 54 13.72 -18.44 12.70
CA LEU B 54 13.54 -19.39 11.61
C LEU B 54 12.74 -18.76 10.49
N ASN B 55 13.32 -18.74 9.29
CA ASN B 55 12.54 -18.45 8.10
C ASN B 55 11.80 -19.70 7.71
N GLY B 56 10.79 -19.54 6.87
CA GLY B 56 9.89 -20.62 6.53
C GLY B 56 10.30 -21.33 5.26
N GLY B 57 9.37 -21.34 4.31
CA GLY B 57 9.57 -21.98 3.01
C GLY B 57 8.36 -22.83 2.69
N PRO B 58 8.38 -24.10 3.10
CA PRO B 58 9.52 -24.84 3.69
C PRO B 58 10.61 -25.07 2.67
N GLY B 59 11.85 -25.03 3.13
CA GLY B 59 12.98 -25.16 2.23
C GLY B 59 13.84 -23.93 2.14
N CYS B 60 13.39 -22.81 2.73
CA CYS B 60 14.12 -21.55 2.66
C CYS B 60 14.99 -21.24 3.88
N SER B 61 16.01 -20.44 3.65
CA SER B 61 17.09 -20.24 4.59
C SER B 61 16.84 -19.12 5.55
N SER B 62 17.23 -19.34 6.81
CA SER B 62 17.21 -18.30 7.84
C SER B 62 18.35 -17.29 7.70
N LEU B 63 19.26 -17.51 6.76
CA LEU B 63 20.30 -16.50 6.51
C LEU B 63 19.76 -15.37 5.66
N ASP B 64 18.65 -15.60 4.98
CA ASP B 64 17.90 -14.52 4.37
C ASP B 64 17.51 -13.53 5.47
N GLY B 65 16.99 -14.06 6.58
CA GLY B 65 16.61 -13.25 7.73
C GLY B 65 17.75 -12.36 8.16
N LEU B 66 18.91 -12.98 8.37
CA LEU B 66 20.08 -12.24 8.74
C LEU B 66 20.45 -11.19 7.70
N LEU B 67 20.66 -11.63 6.47
CA LEU B 67 21.30 -10.81 5.45
C LEU B 67 20.39 -9.81 4.73
N THR B 68 19.07 -10.01 4.83
CA THR B 68 18.13 -9.09 4.17
C THR B 68 17.02 -8.55 5.05
N GLU B 69 16.91 -8.99 6.30
CA GLU B 69 15.81 -8.55 7.17
C GLU B 69 16.25 -7.80 8.44
N HIS B 70 16.88 -8.49 9.38
CA HIS B 70 17.22 -7.85 10.65
C HIS B 70 18.53 -8.27 11.29
N GLY B 71 19.45 -8.77 10.48
CA GLY B 71 20.76 -9.11 10.98
C GLY B 71 21.48 -7.81 11.27
N PRO B 72 22.62 -7.89 11.97
CA PRO B 72 23.48 -6.74 12.24
C PRO B 72 23.99 -6.06 10.98
N PHE B 73 24.07 -6.80 9.89
CA PHE B 73 24.51 -6.24 8.62
C PHE B 73 23.75 -6.88 7.48
N LEU B 74 23.49 -6.10 6.44
CA LEU B 74 22.73 -6.57 5.30
C LEU B 74 23.61 -6.52 4.05
N VAL B 75 23.60 -7.61 3.29
CA VAL B 75 24.23 -7.64 1.98
C VAL B 75 23.63 -6.56 1.08
N GLN B 76 24.51 -5.89 0.33
CA GLN B 76 24.13 -4.83 -0.63
C GLN B 76 24.04 -5.39 -2.05
N PRO B 77 23.43 -4.64 -2.98
CA PRO B 77 23.09 -5.19 -4.31
C PRO B 77 24.23 -5.73 -5.16
N ASP B 78 25.46 -5.29 -4.89
CA ASP B 78 26.64 -5.82 -5.58
C ASP B 78 27.02 -7.25 -5.19
N GLY B 79 26.35 -7.81 -4.19
CA GLY B 79 26.63 -9.17 -3.75
C GLY B 79 27.92 -9.31 -2.97
N VAL B 80 28.61 -8.21 -2.72
CA VAL B 80 29.95 -8.23 -2.18
C VAL B 80 30.07 -7.45 -0.87
N THR B 81 29.45 -6.28 -0.83
CA THR B 81 29.54 -5.39 0.32
C THR B 81 28.44 -5.66 1.32
N LEU B 82 28.81 -5.66 2.61
CA LEU B 82 27.88 -5.71 3.73
C LEU B 82 27.85 -4.36 4.40
N GLU B 83 26.66 -3.85 4.71
CA GLU B 83 26.51 -2.59 5.46
C GLU B 83 25.84 -2.92 6.79
N TYR B 84 26.27 -2.24 7.87
CA TYR B 84 25.67 -2.46 9.18
C TYR B 84 24.22 -2.04 9.12
N ASN B 85 23.43 -2.62 10.01
CA ASN B 85 22.02 -2.38 10.07
C ASN B 85 21.69 -1.70 11.40
N PRO B 86 21.31 -0.40 11.36
CA PRO B 86 21.02 0.35 12.57
C PRO B 86 19.78 -0.13 13.32
N TYR B 87 18.93 -0.89 12.64
CA TYR B 87 17.72 -1.44 13.24
C TYR B 87 17.85 -2.93 13.51
N SER B 88 19.08 -3.45 13.59
CA SER B 88 19.27 -4.89 13.78
C SER B 88 18.74 -5.39 15.10
N TRP B 89 18.19 -6.59 15.06
CA TRP B 89 17.60 -7.18 16.26
C TRP B 89 18.65 -7.58 17.27
N ASN B 90 19.88 -7.83 16.82
CA ASN B 90 20.95 -8.15 17.76
C ASN B 90 21.49 -6.89 18.48
N LEU B 91 20.82 -5.75 18.33
CA LEU B 91 21.15 -4.59 19.14
C LEU B 91 20.84 -4.90 20.61
N ILE B 92 19.78 -5.66 20.82
CA ILE B 92 19.26 -5.93 22.16
C ILE B 92 19.00 -7.41 22.39
N ALA B 93 19.57 -8.29 21.57
CA ALA B 93 19.34 -9.70 21.74
C ALA B 93 20.44 -10.54 21.14
N ASN B 94 20.58 -11.76 21.65
CA ASN B 94 21.46 -12.75 21.04
C ASN B 94 20.61 -13.56 20.08
N VAL B 95 20.82 -13.34 18.79
CA VAL B 95 19.93 -13.88 17.76
C VAL B 95 20.60 -15.10 17.14
N LEU B 96 19.92 -16.24 17.18
CA LEU B 96 20.42 -17.49 16.60
C LEU B 96 19.71 -17.82 15.29
N TYR B 97 20.34 -17.51 14.15
CA TYR B 97 19.76 -17.77 12.83
C TYR B 97 20.07 -19.20 12.44
N LEU B 98 19.05 -20.03 12.31
CA LEU B 98 19.25 -21.47 12.09
C LEU B 98 18.74 -21.93 10.72
N GLU B 99 19.65 -22.46 9.89
CA GLU B 99 19.25 -23.00 8.59
C GLU B 99 18.67 -24.39 8.75
N SER B 100 17.39 -24.53 8.43
CA SER B 100 16.68 -25.74 8.72
C SER B 100 15.46 -25.85 7.82
N PRO B 101 14.96 -27.07 7.58
CA PRO B 101 15.49 -28.36 8.04
C PRO B 101 16.70 -28.81 7.24
N ALA B 102 17.21 -30.00 7.55
CA ALA B 102 18.34 -30.60 6.82
C ALA B 102 18.23 -30.43 5.30
N GLY B 103 19.24 -29.80 4.72
CA GLY B 103 19.35 -29.65 3.27
C GLY B 103 19.22 -28.20 2.82
N VAL B 104 18.57 -27.39 3.65
CA VAL B 104 18.42 -25.97 3.39
C VAL B 104 19.73 -25.26 3.60
N GLY B 105 20.07 -24.35 2.70
CA GLY B 105 21.28 -23.55 2.80
C GLY B 105 22.55 -24.36 2.89
N PHE B 106 23.31 -24.19 3.97
CA PHE B 106 24.52 -24.95 4.23
C PHE B 106 24.27 -26.16 5.14
N SER B 107 23.02 -26.36 5.54
CA SER B 107 22.68 -27.51 6.37
C SER B 107 22.60 -28.77 5.50
N TYR B 108 23.03 -29.88 6.06
CA TYR B 108 23.03 -31.16 5.34
C TYR B 108 22.78 -32.32 6.29
N SER B 109 22.72 -33.51 5.71
CA SER B 109 22.79 -34.76 6.47
C SER B 109 23.77 -35.70 5.78
N ASP B 110 24.34 -36.61 6.53
CA ASP B 110 25.29 -37.59 5.98
C ASP B 110 24.66 -38.42 4.86
N ASP B 111 23.44 -38.88 5.06
CA ASP B 111 22.75 -39.69 4.06
C ASP B 111 22.09 -38.87 2.96
N LYS B 112 22.05 -37.55 3.11
CA LYS B 112 21.46 -36.66 2.08
C LYS B 112 19.99 -36.92 1.74
N PHE B 113 19.26 -37.64 2.59
CA PHE B 113 17.82 -37.80 2.37
C PHE B 113 17.11 -36.62 3.02
N TYR B 114 16.53 -35.76 2.20
CA TYR B 114 16.00 -34.49 2.71
C TYR B 114 14.49 -34.39 2.71
N ALA B 115 13.82 -35.44 2.28
CA ALA B 115 12.36 -35.52 2.47
C ALA B 115 12.12 -35.54 3.96
N THR B 116 11.18 -34.73 4.41
CA THR B 116 10.92 -34.61 5.85
C THR B 116 9.47 -34.13 6.05
N ASN B 117 9.12 -33.87 7.30
CA ASN B 117 7.77 -33.43 7.63
C ASN B 117 7.72 -32.68 8.96
N ASP B 118 6.59 -32.04 9.24
CA ASP B 118 6.45 -31.12 10.37
C ASP B 118 6.92 -31.70 11.71
N THR B 119 6.53 -32.93 12.00
CA THR B 119 6.89 -33.58 13.26
C THR B 119 8.39 -33.86 13.33
N GLU B 120 8.96 -34.27 12.20
CA GLU B 120 10.39 -34.57 12.16
C GLU B 120 11.22 -33.30 12.25
N VAL B 121 10.78 -32.25 11.56
CA VAL B 121 11.50 -30.99 11.60
C VAL B 121 11.46 -30.39 13.00
N ALA B 122 10.31 -30.49 13.64
CA ALA B 122 10.15 -29.97 14.99
C ALA B 122 11.17 -30.63 15.88
N GLN B 123 11.19 -31.95 15.86
CA GLN B 123 12.11 -32.75 16.65
C GLN B 123 13.57 -32.40 16.33
N SER B 124 13.85 -32.19 15.06
CA SER B 124 15.20 -31.88 14.59
C SER B 124 15.66 -30.55 15.18
N ASN B 125 14.81 -29.53 15.11
CA ASN B 125 15.10 -28.21 15.68
C ASN B 125 15.29 -28.27 17.17
N PHE B 126 14.39 -29.01 17.82
CA PHE B 126 14.47 -29.19 19.25
C PHE B 126 15.82 -29.76 19.64
N GLU B 127 16.25 -30.80 18.94
CA GLU B 127 17.52 -31.46 19.26
C GLU B 127 18.71 -30.55 18.95
N ALA B 128 18.58 -29.77 17.89
CA ALA B 128 19.61 -28.77 17.56
C ALA B 128 19.71 -27.67 18.61
N LEU B 129 18.56 -27.26 19.13
CA LEU B 129 18.51 -26.29 20.22
C LEU B 129 19.17 -26.90 21.46
N GLN B 130 18.88 -28.18 21.74
CA GLN B 130 19.62 -28.91 22.78
C GLN B 130 21.12 -28.88 22.52
N ASP B 131 21.55 -29.29 21.34
CA ASP B 131 22.98 -29.29 21.00
C ASP B 131 23.57 -27.90 21.14
N PHE B 132 22.77 -26.86 20.96
CA PHE B 132 23.24 -25.49 21.07
C PHE B 132 23.74 -25.21 22.46
N PHE B 133 22.93 -25.58 23.44
CA PHE B 133 23.23 -25.28 24.83
C PHE B 133 24.35 -26.12 25.41
N ARG B 134 24.64 -27.27 24.79
CA ARG B 134 25.82 -28.04 25.13
C ARG B 134 27.07 -27.26 24.72
N LEU B 135 26.97 -26.61 23.57
CA LEU B 135 28.07 -25.83 23.02
C LEU B 135 28.14 -24.45 23.64
N PHE B 136 26.98 -23.89 23.98
CA PHE B 136 26.89 -22.56 24.58
C PHE B 136 26.23 -22.65 25.94
N PRO B 137 26.85 -23.34 26.91
CA PRO B 137 26.22 -23.51 28.22
C PRO B 137 25.97 -22.21 29.00
N GLU B 138 26.83 -21.22 28.80
CA GLU B 138 26.73 -19.90 29.45
C GLU B 138 25.48 -19.10 29.07
N TYR B 139 24.75 -19.59 28.07
CA TYR B 139 23.51 -18.96 27.61
C TYR B 139 22.26 -19.75 28.02
N LYS B 140 22.44 -20.81 28.80
CA LYS B 140 21.31 -21.59 29.30
C LYS B 140 20.42 -20.79 30.24
N ASN B 141 20.96 -19.78 30.90
CA ASN B 141 20.19 -18.98 31.85
C ASN B 141 19.35 -17.90 31.19
N ASN B 142 19.82 -17.41 30.04
CA ASN B 142 19.24 -16.28 29.38
C ASN B 142 17.79 -16.53 29.02
N LYS B 143 17.00 -15.47 28.97
CA LYS B 143 15.63 -15.57 28.52
C LYS B 143 15.65 -16.07 27.08
N LEU B 144 14.81 -17.04 26.76
CA LEU B 144 14.82 -17.69 25.45
C LEU B 144 13.52 -17.47 24.69
N PHE B 145 13.62 -16.80 23.55
CA PHE B 145 12.47 -16.59 22.68
C PHE B 145 12.63 -17.33 21.36
N LEU B 146 11.51 -17.88 20.89
CA LEU B 146 11.44 -18.58 19.62
C LEU B 146 10.70 -17.67 18.65
N THR B 147 11.37 -17.27 17.58
CA THR B 147 10.77 -16.37 16.58
C THR B 147 10.96 -16.92 15.20
N GLY B 148 10.02 -16.63 14.32
CA GLY B 148 10.09 -17.11 12.95
C GLY B 148 9.19 -16.33 12.03
N GLU B 149 9.16 -16.74 10.77
CA GLU B 149 8.37 -16.07 9.76
C GLU B 149 7.78 -17.09 8.82
N SER B 150 6.71 -16.72 8.12
CA SER B 150 6.22 -17.51 6.98
C SER B 150 5.81 -18.92 7.44
N TYR B 151 6.25 -19.96 6.74
CA TYR B 151 5.93 -21.33 7.17
C TYR B 151 6.37 -21.64 8.61
N ALA B 152 7.22 -20.79 9.20
CA ALA B 152 7.61 -20.96 10.60
C ALA B 152 6.45 -20.67 11.55
N GLY B 153 5.31 -20.22 11.03
CA GLY B 153 4.06 -20.25 11.78
C GLY B 153 3.68 -21.66 12.16
N ILE B 154 4.24 -22.65 11.45
CA ILE B 154 4.17 -24.07 11.82
C ILE B 154 5.40 -24.54 12.59
N TYR B 155 6.58 -24.19 12.09
CA TYR B 155 7.81 -24.60 12.77
C TYR B 155 7.77 -24.20 14.25
N ILE B 156 7.41 -22.96 14.52
CA ILE B 156 7.62 -22.34 15.85
C ILE B 156 6.68 -22.86 16.95
N PRO B 157 5.36 -22.86 16.73
CA PRO B 157 4.53 -23.42 17.78
C PRO B 157 4.81 -24.88 18.03
N THR B 158 5.03 -25.66 16.98
CA THR B 158 5.28 -27.10 17.13
C THR B 158 6.57 -27.30 17.90
N LEU B 159 7.58 -26.51 17.57
CA LEU B 159 8.84 -26.52 18.29
C LEU B 159 8.60 -26.16 19.74
N ALA B 160 7.92 -25.04 19.95
CA ALA B 160 7.69 -24.49 21.30
C ALA B 160 7.11 -25.52 22.22
N VAL B 161 6.16 -26.28 21.72
CA VAL B 161 5.60 -27.39 22.49
C VAL B 161 6.67 -28.36 22.99
N LEU B 162 7.59 -28.75 22.12
CA LEU B 162 8.69 -29.61 22.53
C LEU B 162 9.57 -28.91 23.58
N VAL B 163 9.81 -27.60 23.38
CA VAL B 163 10.62 -26.81 24.30
C VAL B 163 9.92 -26.68 25.64
N MET B 164 8.61 -26.53 25.58
CA MET B 164 7.76 -26.44 26.76
C MET B 164 7.94 -27.67 27.66
N GLN B 165 8.19 -28.82 27.05
CA GLN B 165 8.44 -30.05 27.78
C GLN B 165 9.79 -30.08 28.51
N ASP B 166 10.75 -29.25 28.11
CA ASP B 166 12.09 -29.29 28.72
C ASP B 166 12.36 -28.06 29.60
N PRO B 167 12.25 -28.23 30.94
CA PRO B 167 12.37 -27.07 31.85
C PRO B 167 13.80 -26.60 32.06
N SER B 168 14.78 -27.35 31.57
CA SER B 168 16.15 -26.88 31.44
C SER B 168 16.22 -25.67 30.52
N MET B 169 15.39 -25.64 29.48
CA MET B 169 15.31 -24.49 28.57
C MET B 169 14.39 -23.41 29.15
N ASN B 170 14.89 -22.17 29.19
CA ASN B 170 14.21 -21.03 29.83
C ASN B 170 13.30 -20.26 28.87
N LEU B 171 12.33 -20.97 28.31
CA LEU B 171 11.41 -20.40 27.32
C LEU B 171 10.57 -19.28 27.93
N GLN B 172 10.66 -18.07 27.39
CA GLN B 172 9.84 -16.98 27.88
C GLN B 172 8.74 -16.56 26.90
N GLY B 173 9.01 -16.61 25.60
CA GLY B 173 7.99 -16.33 24.60
C GLY B 173 8.29 -16.77 23.17
N LEU B 174 7.35 -16.48 22.29
CA LEU B 174 7.51 -16.73 20.86
C LEU B 174 6.80 -15.68 20.00
N ALA B 175 7.38 -15.35 18.86
CA ALA B 175 6.78 -14.40 17.94
C ALA B 175 6.83 -14.91 16.49
N VAL B 176 5.74 -14.73 15.76
CA VAL B 176 5.61 -15.22 14.39
C VAL B 176 5.20 -14.10 13.42
N GLY B 177 6.03 -13.86 12.40
CA GLY B 177 5.79 -12.82 11.41
C GLY B 177 5.12 -13.39 10.16
N ASN B 178 4.02 -12.78 9.78
CA ASN B 178 3.22 -13.29 8.67
C ASN B 178 3.29 -14.81 8.63
N GLY B 179 2.82 -15.42 9.71
CA GLY B 179 2.89 -16.85 9.87
C GLY B 179 1.71 -17.53 9.23
N LEU B 180 1.91 -18.81 8.95
CA LEU B 180 0.86 -19.70 8.54
C LEU B 180 0.37 -20.46 9.76
N SER B 181 -0.66 -19.93 10.39
CA SER B 181 -1.26 -20.50 11.58
C SER B 181 -2.42 -21.44 11.26
N SER B 182 -3.19 -21.11 10.23
CA SER B 182 -4.31 -21.95 9.79
C SER B 182 -4.55 -21.83 8.31
N TYR B 183 -4.39 -22.91 7.56
CA TYR B 183 -4.67 -22.90 6.11
C TYR B 183 -6.08 -22.40 5.79
N GLU B 184 -7.05 -22.84 6.58
CA GLU B 184 -8.45 -22.52 6.31
C GLU B 184 -8.70 -21.02 6.42
N GLN B 185 -8.26 -20.41 7.52
CA GLN B 185 -8.47 -18.97 7.72
C GLN B 185 -7.63 -18.14 6.74
N ASN B 186 -6.42 -18.63 6.46
CA ASN B 186 -5.56 -17.99 5.49
C ASN B 186 -6.25 -17.94 4.14
N ASP B 187 -6.83 -19.09 3.74
CA ASP B 187 -7.40 -19.23 2.40
C ASP B 187 -8.70 -18.47 2.28
N ASN B 188 -9.59 -18.60 3.24
CA ASN B 188 -10.84 -17.82 3.23
C ASN B 188 -10.55 -16.32 3.28
N SER B 189 -9.67 -15.88 4.18
CA SER B 189 -9.38 -14.45 4.33
C SER B 189 -8.69 -13.84 3.10
N LEU B 190 -7.82 -14.61 2.45
CA LEU B 190 -7.13 -14.16 1.24
C LEU B 190 -8.11 -13.77 0.17
N VAL B 191 -9.19 -14.52 0.04
CA VAL B 191 -10.14 -14.28 -1.02
C VAL B 191 -10.86 -12.97 -0.80
N TYR B 192 -11.30 -12.72 0.43
CA TYR B 192 -11.82 -11.39 0.79
C TYR B 192 -10.74 -10.35 0.55
N PHE B 193 -9.52 -10.64 0.97
CA PHE B 193 -8.43 -9.71 0.79
C PHE B 193 -8.37 -9.30 -0.67
N ALA B 194 -8.39 -10.29 -1.56
CA ALA B 194 -8.22 -10.05 -2.98
C ALA B 194 -9.30 -9.13 -3.49
N TYR B 195 -10.55 -9.38 -3.11
CA TYR B 195 -11.65 -8.56 -3.64
C TYR B 195 -11.54 -7.13 -3.19
N TYR B 196 -11.36 -6.95 -1.88
CA TYR B 196 -11.41 -5.64 -1.27
C TYR B 196 -10.14 -4.83 -1.46
N HIS B 197 -9.10 -5.46 -2.01
CA HIS B 197 -7.91 -4.75 -2.48
C HIS B 197 -7.90 -4.62 -3.97
N GLY B 198 -9.03 -4.88 -4.63
CA GLY B 198 -9.26 -4.43 -6.01
C GLY B 198 -8.76 -5.34 -7.11
N LEU B 199 -8.61 -6.61 -6.80
CA LEU B 199 -8.03 -7.56 -7.74
C LEU B 199 -9.09 -8.40 -8.46
N LEU B 200 -10.34 -8.37 -8.00
CA LEU B 200 -11.33 -9.37 -8.43
C LEU B 200 -12.51 -8.84 -9.22
N GLY B 201 -13.05 -7.71 -8.80
CA GLY B 201 -14.22 -7.17 -9.46
C GLY B 201 -15.47 -7.95 -9.13
N ASN B 202 -16.60 -7.42 -9.56
CA ASN B 202 -17.90 -7.84 -9.07
C ASN B 202 -18.48 -9.11 -9.69
N ARG B 203 -18.24 -9.34 -10.98
CA ARG B 203 -18.73 -10.56 -11.62
C ARG B 203 -18.11 -11.76 -10.92
N LEU B 204 -16.80 -11.73 -10.77
CA LEU B 204 -16.09 -12.81 -10.09
C LEU B 204 -16.46 -12.89 -8.61
N TRP B 205 -16.51 -11.75 -7.91
CA TRP B 205 -16.99 -11.73 -6.53
C TRP B 205 -18.39 -12.37 -6.43
N SER B 206 -19.33 -11.97 -7.27
CA SER B 206 -20.66 -12.56 -7.26
C SER B 206 -20.61 -14.06 -7.43
N SER B 207 -19.85 -14.53 -8.41
CA SER B 207 -19.79 -15.95 -8.70
C SER B 207 -19.31 -16.66 -7.44
N LEU B 208 -18.20 -16.19 -6.90
CA LEU B 208 -17.63 -16.75 -5.69
C LEU B 208 -18.65 -16.86 -4.56
N GLN B 209 -19.32 -15.76 -4.24
CA GLN B 209 -20.41 -15.75 -3.25
C GLN B 209 -21.47 -16.81 -3.57
N THR B 210 -21.91 -16.81 -4.82
CA THR B 210 -22.95 -17.72 -5.27
C THR B 210 -22.59 -19.18 -5.04
N HIS B 211 -21.40 -19.58 -5.49
CA HIS B 211 -21.02 -20.99 -5.55
C HIS B 211 -20.26 -21.47 -4.32
N CYS B 212 -19.59 -20.56 -3.63
CA CYS B 212 -18.78 -20.93 -2.49
C CYS B 212 -19.39 -20.55 -1.18
N CYS B 213 -20.53 -19.87 -1.19
CA CYS B 213 -21.06 -19.30 0.04
C CYS B 213 -22.57 -19.42 0.10
N SER B 214 -23.06 -19.89 1.22
CA SER B 214 -24.49 -19.89 1.48
C SER B 214 -24.75 -19.12 2.77
N GLN B 215 -25.61 -18.11 2.68
CA GLN B 215 -26.12 -17.41 3.86
C GLN B 215 -25.00 -16.78 4.68
N ASN B 216 -24.05 -16.22 3.96
CA ASN B 216 -22.99 -15.37 4.54
C ASN B 216 -21.99 -16.06 5.44
N LYS B 217 -21.70 -17.32 5.14
CA LYS B 217 -20.50 -17.97 5.63
C LYS B 217 -19.94 -18.78 4.47
N CYS B 218 -18.73 -18.42 4.07
CA CYS B 218 -18.12 -18.89 2.85
C CYS B 218 -17.23 -20.07 3.13
N ASN B 219 -17.13 -20.97 2.16
CA ASN B 219 -16.07 -21.95 2.18
C ASN B 219 -15.23 -21.75 0.93
N PHE B 220 -14.11 -21.07 1.09
CA PHE B 220 -13.12 -20.96 0.02
C PHE B 220 -11.98 -21.92 0.30
N TYR B 221 -12.08 -22.68 1.38
CA TYR B 221 -11.02 -23.59 1.76
C TYR B 221 -11.06 -24.93 1.03
N ASP B 222 -12.07 -25.74 1.32
CA ASP B 222 -12.13 -27.10 0.83
C ASP B 222 -13.48 -27.38 0.18
N ASN B 223 -14.04 -26.35 -0.44
CA ASN B 223 -15.35 -26.43 -1.04
C ASN B 223 -15.35 -27.43 -2.20
N LYS B 224 -16.38 -28.25 -2.25
CA LYS B 224 -16.47 -29.31 -3.24
C LYS B 224 -17.32 -28.90 -4.43
N ASP B 225 -17.98 -27.76 -4.35
CA ASP B 225 -18.76 -27.27 -5.46
C ASP B 225 -17.84 -27.01 -6.65
N LEU B 226 -18.10 -27.68 -7.77
CA LEU B 226 -17.24 -27.63 -8.94
C LEU B 226 -17.20 -26.25 -9.60
N GLU B 227 -18.30 -25.52 -9.51
CA GLU B 227 -18.35 -24.15 -9.99
C GLU B 227 -17.56 -23.23 -9.05
N CYS B 228 -17.55 -23.54 -7.76
CA CYS B 228 -16.71 -22.82 -6.80
C CYS B 228 -15.23 -23.03 -7.11
N VAL B 229 -14.86 -24.28 -7.37
CA VAL B 229 -13.48 -24.60 -7.67
C VAL B 229 -12.97 -23.85 -8.89
N THR B 230 -13.78 -23.76 -9.93
CA THR B 230 -13.38 -23.05 -11.15
C THR B 230 -13.05 -21.59 -10.86
N ASN B 231 -13.79 -20.99 -9.93
CA ASN B 231 -13.57 -19.62 -9.53
C ASN B 231 -12.40 -19.46 -8.56
N LEU B 232 -12.28 -20.36 -7.60
CA LEU B 232 -11.12 -20.33 -6.70
C LEU B 232 -9.85 -20.45 -7.52
N GLN B 233 -9.87 -21.26 -8.56
CA GLN B 233 -8.74 -21.38 -9.48
C GLN B 233 -8.42 -20.05 -10.16
N GLU B 234 -9.46 -19.34 -10.59
CA GLU B 234 -9.28 -18.02 -11.16
C GLU B 234 -8.63 -17.09 -10.14
N VAL B 235 -9.17 -17.03 -8.93
CA VAL B 235 -8.56 -16.24 -7.84
C VAL B 235 -7.10 -16.63 -7.66
N ALA B 236 -6.84 -17.92 -7.54
CA ALA B 236 -5.46 -18.40 -7.42
C ALA B 236 -4.57 -17.84 -8.55
N ARG B 237 -5.10 -17.83 -9.77
CA ARG B 237 -4.35 -17.33 -10.92
C ARG B 237 -4.09 -15.82 -10.83
N ILE B 238 -5.07 -15.07 -10.36
CA ILE B 238 -4.91 -13.61 -10.28
C ILE B 238 -3.89 -13.25 -9.21
N VAL B 239 -4.06 -13.84 -8.03
CA VAL B 239 -3.24 -13.53 -6.89
C VAL B 239 -1.80 -13.97 -7.10
N GLY B 240 -1.63 -15.23 -7.48
CA GLY B 240 -0.32 -15.87 -7.43
C GLY B 240 0.39 -15.97 -8.75
N ASN B 241 -0.33 -15.87 -9.86
CA ASN B 241 0.22 -16.31 -11.15
C ASN B 241 -0.05 -15.38 -12.31
N SER B 242 -0.04 -14.08 -12.05
CA SER B 242 -0.38 -13.14 -13.10
C SER B 242 0.40 -11.83 -13.08
N GLY B 243 1.49 -11.75 -12.31
CA GLY B 243 2.35 -10.56 -12.28
C GLY B 243 2.43 -9.77 -10.97
N LEU B 244 1.50 -10.00 -10.05
CA LEU B 244 1.52 -9.28 -8.78
C LEU B 244 2.56 -9.84 -7.86
N ASN B 245 2.96 -9.03 -6.89
CA ASN B 245 3.90 -9.48 -5.89
C ASN B 245 3.14 -9.99 -4.68
N ILE B 246 3.05 -11.32 -4.60
CA ILE B 246 2.29 -11.98 -3.56
C ILE B 246 2.79 -11.67 -2.15
N TYR B 247 4.08 -11.40 -2.04
CA TYR B 247 4.71 -11.04 -0.77
C TYR B 247 4.37 -9.59 -0.37
N ASN B 248 4.12 -8.75 -1.37
CA ASN B 248 3.83 -7.35 -1.13
C ASN B 248 3.14 -6.74 -2.34
N LEU B 249 1.83 -6.62 -2.24
CA LEU B 249 0.97 -6.22 -3.34
C LEU B 249 1.30 -4.90 -3.98
N TYR B 250 1.91 -3.98 -3.25
CA TYR B 250 2.16 -2.63 -3.77
C TYR B 250 3.56 -2.45 -4.26
N ALA B 251 4.31 -3.55 -4.22
CA ALA B 251 5.68 -3.61 -4.74
C ALA B 251 5.74 -4.25 -6.13
N PRO B 252 6.68 -3.79 -6.96
CA PRO B 252 6.88 -4.43 -8.27
C PRO B 252 7.41 -5.85 -8.11
N CYS B 253 7.10 -6.71 -9.08
CA CYS B 253 7.55 -8.09 -9.06
C CYS B 253 8.93 -8.15 -9.68
N ALA B 254 9.92 -8.58 -8.91
CA ALA B 254 11.29 -8.65 -9.38
C ALA B 254 11.41 -9.27 -10.77
N GLY B 255 11.92 -8.50 -11.73
CA GLY B 255 12.22 -9.02 -13.05
C GLY B 255 11.03 -9.10 -13.99
N GLY B 256 10.25 -8.02 -14.03
CA GLY B 256 9.13 -7.90 -14.93
C GLY B 256 8.02 -8.90 -14.68
N VAL B 257 7.05 -8.91 -15.57
CA VAL B 257 5.93 -9.84 -15.45
C VAL B 257 6.13 -11.01 -16.42
N PRO B 258 6.33 -12.23 -15.88
CA PRO B 258 6.72 -13.40 -16.69
C PRO B 258 5.99 -13.56 -18.03
N ARG B 268 16.39 -24.08 -10.17
CA ARG B 268 16.46 -23.50 -8.83
C ARG B 268 15.15 -22.80 -8.47
N MET B 269 14.70 -23.02 -7.23
CA MET B 269 13.51 -22.37 -6.70
C MET B 269 13.88 -21.17 -5.88
N ASP B 270 13.63 -19.98 -6.43
CA ASP B 270 13.62 -18.78 -5.64
C ASP B 270 12.21 -18.68 -5.13
N PRO B 271 12.00 -17.88 -4.07
CA PRO B 271 10.66 -17.43 -3.79
C PRO B 271 10.17 -16.59 -4.96
N PRO B 272 8.85 -16.54 -5.20
CA PRO B 272 8.38 -15.80 -6.37
C PRO B 272 8.47 -14.28 -6.18
N CYS B 273 8.67 -13.59 -7.30
CA CYS B 273 8.86 -12.13 -7.33
C CYS B 273 10.01 -11.64 -6.47
N THR B 274 10.95 -12.54 -6.16
CA THR B 274 12.08 -12.22 -5.29
C THR B 274 13.40 -12.39 -6.03
N ASN B 275 14.25 -11.36 -6.01
CA ASN B 275 15.62 -11.47 -6.48
C ASN B 275 16.52 -11.92 -5.33
N THR B 276 17.16 -13.07 -5.50
CA THR B 276 18.03 -13.63 -4.45
C THR B 276 19.51 -13.55 -4.86
N THR B 277 19.83 -12.70 -5.83
CA THR B 277 21.18 -12.65 -6.35
C THR B 277 22.12 -12.11 -5.29
N ALA B 278 21.79 -10.96 -4.72
CA ALA B 278 22.68 -10.29 -3.77
C ALA B 278 23.22 -11.26 -2.71
N ALA B 279 22.33 -11.98 -2.05
CA ALA B 279 22.71 -12.87 -0.95
C ALA B 279 23.47 -14.11 -1.43
N SER B 280 23.00 -14.71 -2.51
CA SER B 280 23.63 -15.90 -3.07
C SER B 280 25.05 -15.59 -3.52
N THR B 281 25.19 -14.53 -4.31
CA THR B 281 26.51 -14.08 -4.73
C THR B 281 27.43 -14.00 -3.53
N TYR B 282 26.93 -13.43 -2.45
CA TYR B 282 27.76 -13.22 -1.28
C TYR B 282 28.15 -14.53 -0.63
N LEU B 283 27.17 -15.34 -0.27
CA LEU B 283 27.41 -16.58 0.49
C LEU B 283 28.12 -17.70 -0.28
N ASN B 284 28.11 -17.67 -1.60
CA ASN B 284 28.86 -18.64 -2.41
C ASN B 284 30.33 -18.25 -2.62
N ASN B 285 30.69 -17.00 -2.28
CA ASN B 285 32.09 -16.59 -2.23
C ASN B 285 32.88 -17.57 -1.38
N PRO B 286 33.83 -18.31 -1.98
CA PRO B 286 34.59 -19.32 -1.24
C PRO B 286 35.19 -18.81 0.07
N TYR B 287 35.59 -17.54 0.07
CA TYR B 287 36.16 -16.94 1.28
C TYR B 287 35.11 -16.72 2.38
N VAL B 288 33.88 -16.44 1.99
CA VAL B 288 32.79 -16.33 2.96
C VAL B 288 32.49 -17.68 3.59
N ARG B 289 32.41 -18.73 2.75
CA ARG B 289 32.20 -20.09 3.24
C ARG B 289 33.30 -20.47 4.26
N LYS B 290 34.53 -20.12 3.94
CA LYS B 290 35.67 -20.33 4.83
C LYS B 290 35.51 -19.58 6.17
N ALA B 291 35.13 -18.31 6.08
CA ALA B 291 34.96 -17.45 7.26
C ALA B 291 33.88 -17.97 8.18
N LEU B 292 32.92 -18.65 7.57
CA LEU B 292 31.77 -19.22 8.25
C LEU B 292 31.94 -20.71 8.48
N ASN B 293 33.18 -21.18 8.40
CA ASN B 293 33.50 -22.56 8.77
C ASN B 293 32.61 -23.58 8.06
N ILE B 294 32.36 -23.35 6.78
CA ILE B 294 31.55 -24.26 5.99
C ILE B 294 32.49 -25.26 5.34
N PRO B 295 32.20 -26.56 5.47
CA PRO B 295 33.00 -27.54 4.75
C PRO B 295 32.88 -27.38 3.24
N GLU B 296 33.99 -27.54 2.53
CA GLU B 296 34.07 -27.27 1.10
C GLU B 296 33.14 -28.13 0.25
N GLN B 297 33.06 -29.42 0.54
CA GLN B 297 32.36 -30.36 -0.36
C GLN B 297 30.87 -30.09 -0.51
N LEU B 298 30.30 -29.27 0.37
CA LEU B 298 28.87 -29.01 0.33
C LEU B 298 28.44 -28.20 -0.91
N PRO B 299 27.24 -28.47 -1.43
CA PRO B 299 26.76 -27.82 -2.65
C PRO B 299 26.59 -26.33 -2.45
N GLN B 300 26.34 -25.63 -3.56
CA GLN B 300 26.20 -24.18 -3.50
C GLN B 300 25.06 -23.80 -2.58
N TRP B 301 25.11 -22.58 -2.04
CA TRP B 301 24.03 -22.07 -1.23
C TRP B 301 22.94 -21.51 -2.13
N ASP B 302 21.69 -21.86 -1.79
CA ASP B 302 20.49 -21.29 -2.38
C ASP B 302 19.58 -20.81 -1.24
N MET B 303 18.87 -19.71 -1.44
CA MET B 303 17.94 -19.23 -0.42
C MET B 303 16.89 -20.26 -0.10
N CYS B 304 16.42 -21.00 -1.11
CA CYS B 304 15.56 -22.16 -0.85
C CYS B 304 16.03 -23.39 -1.60
N ASN B 305 15.64 -24.54 -1.08
CA ASN B 305 15.90 -25.81 -1.70
C ASN B 305 14.61 -26.37 -2.27
N PHE B 306 14.54 -26.45 -3.58
CA PHE B 306 13.41 -27.07 -4.28
C PHE B 306 13.14 -28.50 -3.81
N LEU B 307 14.19 -29.28 -3.62
CA LEU B 307 14.03 -30.66 -3.17
C LEU B 307 13.24 -30.68 -1.88
N VAL B 308 13.79 -30.04 -0.85
CA VAL B 308 13.13 -29.94 0.43
C VAL B 308 11.68 -29.57 0.24
N ASN B 309 11.43 -28.45 -0.41
CA ASN B 309 10.06 -27.96 -0.59
C ASN B 309 9.17 -28.96 -1.31
N LEU B 310 9.60 -29.44 -2.47
CA LEU B 310 8.82 -30.41 -3.22
C LEU B 310 8.61 -31.74 -2.49
N GLN B 311 9.60 -32.19 -1.72
CA GLN B 311 9.48 -33.43 -0.98
C GLN B 311 8.88 -33.29 0.41
N TYR B 312 8.39 -32.11 0.75
CA TYR B 312 7.95 -31.81 2.13
C TYR B 312 6.52 -32.21 2.36
N ARG B 313 6.28 -32.90 3.47
CA ARG B 313 4.97 -33.42 3.83
C ARG B 313 4.38 -32.59 4.95
N ARG B 314 3.31 -31.87 4.64
CA ARG B 314 2.65 -30.97 5.59
C ARG B 314 1.59 -31.74 6.37
N LEU B 315 1.70 -31.75 7.70
CA LEU B 315 0.83 -32.57 8.54
C LEU B 315 -0.17 -31.75 9.34
N TYR B 316 0.30 -30.72 10.02
CA TYR B 316 -0.59 -29.87 10.79
C TYR B 316 -1.32 -28.90 9.88
N ARG B 317 -2.63 -28.84 10.08
CA ARG B 317 -3.55 -28.06 9.29
C ARG B 317 -3.98 -26.78 10.04
N SER B 318 -3.63 -26.70 11.33
CA SER B 318 -3.98 -25.55 12.16
C SER B 318 -3.18 -25.59 13.45
N MET B 319 -2.72 -24.42 13.91
CA MET B 319 -1.89 -24.33 15.13
C MET B 319 -2.72 -24.00 16.36
N ASN B 320 -4.03 -24.09 16.24
CA ASN B 320 -4.94 -23.88 17.36
C ASN B 320 -4.58 -24.69 18.63
N SER B 321 -4.33 -25.98 18.47
CA SER B 321 -3.96 -26.80 19.63
C SER B 321 -2.70 -26.26 20.28
N GLN B 322 -1.67 -26.11 19.48
CA GLN B 322 -0.36 -25.79 19.98
C GLN B 322 -0.36 -24.49 20.76
N TYR B 323 -1.13 -23.52 20.29
CA TYR B 323 -1.16 -22.19 20.91
C TYR B 323 -1.92 -22.21 22.23
N LEU B 324 -3.07 -22.89 22.26
CA LEU B 324 -3.80 -23.08 23.52
C LEU B 324 -2.95 -23.86 24.52
N LYS B 325 -2.30 -24.90 24.03
CA LYS B 325 -1.39 -25.69 24.84
C LYS B 325 -0.23 -24.84 25.39
N LEU B 326 0.20 -23.85 24.63
CA LEU B 326 1.23 -22.94 25.10
C LEU B 326 0.65 -21.83 25.99
N LEU B 327 -0.62 -21.52 25.79
CA LEU B 327 -1.27 -20.47 26.57
C LEU B 327 -1.76 -20.95 27.91
N SER B 328 -2.10 -22.23 28.00
CA SER B 328 -2.63 -22.80 29.24
C SER B 328 -1.67 -22.58 30.40
N SER B 329 -0.39 -22.85 30.17
CA SER B 329 0.63 -22.66 31.21
C SER B 329 0.69 -21.23 31.70
N GLN B 330 0.56 -20.28 30.77
CA GLN B 330 0.64 -18.85 31.05
C GLN B 330 2.00 -18.35 31.52
N LYS B 331 3.05 -19.09 31.19
CA LYS B 331 4.41 -18.62 31.41
C LYS B 331 4.90 -17.86 30.19
N TYR B 332 4.18 -17.95 29.08
CA TYR B 332 4.72 -17.56 27.78
C TYR B 332 4.03 -16.36 27.12
N GLN B 333 4.84 -15.39 26.71
CA GLN B 333 4.38 -14.17 26.06
C GLN B 333 4.44 -14.32 24.52
N ILE B 334 3.28 -14.30 23.87
CA ILE B 334 3.17 -14.64 22.44
C ILE B 334 2.75 -13.44 21.57
N LEU B 335 3.43 -13.25 20.44
CA LEU B 335 3.08 -12.19 19.48
C LEU B 335 2.94 -12.72 18.06
N LEU B 336 1.84 -12.36 17.42
CA LEU B 336 1.68 -12.59 16.02
C LEU B 336 1.61 -11.23 15.41
N TYR B 337 2.51 -10.99 14.46
CA TYR B 337 2.52 -9.73 13.72
C TYR B 337 2.46 -10.00 12.23
N ASN B 338 1.85 -9.08 11.49
CA ASN B 338 1.63 -9.27 10.07
C ASN B 338 1.79 -7.97 9.28
N GLY B 339 2.49 -8.03 8.15
CA GLY B 339 2.45 -6.96 7.17
C GLY B 339 1.10 -6.94 6.49
N ASP B 340 0.46 -5.78 6.47
CA ASP B 340 -0.93 -5.70 6.01
C ASP B 340 -1.10 -5.52 4.48
N VAL B 341 0.00 -5.61 3.73
CA VAL B 341 -0.08 -5.69 2.28
C VAL B 341 0.53 -7.01 1.71
N ASP B 342 0.68 -8.01 2.57
CA ASP B 342 1.12 -9.33 2.16
C ASP B 342 -0.05 -10.22 1.80
N MET B 343 0.11 -11.03 0.75
CA MET B 343 -0.94 -11.95 0.32
C MET B 343 -0.56 -13.40 0.48
N ALA B 344 0.70 -13.67 0.74
CA ALA B 344 1.14 -15.01 1.13
C ALA B 344 0.50 -15.45 2.45
N CYS B 345 0.58 -14.61 3.48
CA CYS B 345 -0.04 -14.89 4.80
C CYS B 345 -0.75 -13.66 5.33
N ASN B 346 -1.88 -13.34 4.74
CA ASN B 346 -2.45 -12.01 4.94
C ASN B 346 -2.81 -11.76 6.40
N PHE B 347 -2.79 -10.49 6.81
CA PHE B 347 -2.98 -10.11 8.22
C PHE B 347 -4.30 -10.58 8.82
N MET B 348 -5.35 -10.58 8.02
CA MET B 348 -6.67 -10.90 8.55
C MET B 348 -6.76 -12.35 8.96
N GLY B 349 -6.20 -13.24 8.15
CA GLY B 349 -6.19 -14.66 8.47
C GLY B 349 -5.67 -14.88 9.86
N ASP B 350 -4.54 -14.26 10.18
CA ASP B 350 -3.97 -14.38 11.52
C ASP B 350 -4.78 -13.61 12.58
N GLU B 351 -5.37 -12.47 12.22
CA GLU B 351 -6.25 -11.79 13.17
C GLU B 351 -7.44 -12.67 13.54
N TRP B 352 -8.02 -13.33 12.54
CA TRP B 352 -9.08 -14.30 12.79
C TRP B 352 -8.59 -15.44 13.64
N PHE B 353 -7.41 -15.93 13.34
CA PHE B 353 -6.85 -17.05 14.06
C PHE B 353 -6.70 -16.71 15.53
N VAL B 354 -6.14 -15.53 15.81
CA VAL B 354 -5.92 -15.13 17.20
C VAL B 354 -7.24 -14.93 17.90
N ASP B 355 -8.11 -14.12 17.31
CA ASP B 355 -9.45 -13.87 17.87
C ASP B 355 -10.17 -15.17 18.21
N SER B 356 -10.02 -16.19 17.36
CA SER B 356 -10.69 -17.46 17.59
C SER B 356 -9.97 -18.35 18.61
N LEU B 357 -8.87 -17.91 19.18
CA LEU B 357 -8.30 -18.60 20.34
C LEU B 357 -9.11 -18.40 21.63
N ASN B 358 -10.02 -17.41 21.66
CA ASN B 358 -10.78 -17.08 22.88
C ASN B 358 -9.93 -16.96 24.13
N GLN B 359 -9.19 -15.87 24.25
CA GLN B 359 -8.42 -15.56 25.42
C GLN B 359 -9.06 -14.35 26.07
N LYS B 360 -8.65 -14.05 27.30
CA LYS B 360 -9.17 -12.88 28.01
C LYS B 360 -8.64 -11.59 27.41
N MET B 361 -9.53 -10.82 26.80
CA MET B 361 -9.14 -9.54 26.22
C MET B 361 -8.57 -8.66 27.30
N GLU B 362 -7.45 -8.01 27.01
CA GLU B 362 -6.87 -7.03 27.90
C GLU B 362 -7.03 -5.63 27.31
N VAL B 363 -6.12 -5.23 26.42
CA VAL B 363 -6.22 -3.95 25.75
C VAL B 363 -7.09 -4.09 24.50
N GLN B 364 -8.06 -3.20 24.36
CA GLN B 364 -8.92 -3.15 23.18
C GLN B 364 -8.09 -2.76 21.95
N ARG B 365 -8.62 -3.02 20.76
CA ARG B 365 -7.85 -2.78 19.52
C ARG B 365 -7.60 -1.30 19.27
N ARG B 366 -6.34 -0.91 19.09
CA ARG B 366 -5.99 0.49 18.87
C ARG B 366 -4.79 0.63 17.93
N PRO B 367 -4.49 1.87 17.50
CA PRO B 367 -3.23 2.24 16.85
C PRO B 367 -2.01 1.98 17.70
N TRP B 368 -0.85 1.93 17.07
CA TRP B 368 0.42 2.04 17.78
C TRP B 368 1.41 2.84 16.95
N LEU B 369 2.23 3.65 17.62
CA LEU B 369 2.99 4.69 16.96
C LEU B 369 4.49 4.43 16.90
N VAL B 370 5.15 5.16 16.00
CA VAL B 370 6.59 5.13 15.86
C VAL B 370 7.02 6.55 15.57
N LYS B 371 8.13 6.95 16.14
CA LYS B 371 8.67 8.28 15.91
C LYS B 371 9.64 8.22 14.74
N TYR B 372 9.46 9.08 13.76
CA TYR B 372 10.37 9.17 12.62
C TYR B 372 11.11 10.51 12.64
N GLY B 373 12.25 10.54 11.97
CA GLY B 373 13.03 11.76 11.81
C GLY B 373 12.28 12.78 10.98
N ASP B 374 11.93 13.91 11.61
CA ASP B 374 11.18 15.00 10.98
C ASP B 374 9.66 14.72 10.89
N SER B 375 9.28 13.54 10.41
CA SER B 375 7.87 13.16 10.26
C SER B 375 7.08 13.17 11.57
N GLY B 376 7.77 13.10 12.70
CA GLY B 376 7.10 13.02 13.98
C GLY B 376 6.51 11.64 14.17
N GLU B 377 5.50 11.54 15.02
CA GLU B 377 4.89 10.26 15.28
C GLU B 377 3.96 9.85 14.15
N GLN B 378 4.00 8.57 13.80
CA GLN B 378 3.11 8.01 12.80
C GLN B 378 2.49 6.74 13.30
N ILE B 379 1.43 6.33 12.64
CA ILE B 379 0.80 5.07 12.94
C ILE B 379 1.54 3.99 12.19
N ALA B 380 2.14 3.08 12.93
CA ALA B 380 2.89 1.98 12.34
C ALA B 380 1.98 0.79 12.04
N GLY B 381 0.89 0.69 12.78
CA GLY B 381 -0.11 -0.34 12.56
C GLY B 381 -1.13 -0.36 13.71
N PHE B 382 -1.83 -1.48 13.83
CA PHE B 382 -2.82 -1.65 14.88
C PHE B 382 -2.50 -2.85 15.74
N VAL B 383 -2.90 -2.79 17.01
CA VAL B 383 -2.61 -3.87 17.97
C VAL B 383 -3.82 -4.21 18.87
N LYS B 384 -4.03 -5.50 19.08
CA LYS B 384 -5.14 -6.02 19.84
C LYS B 384 -4.53 -6.98 20.84
N GLU B 385 -4.54 -6.65 22.13
CA GLU B 385 -3.91 -7.51 23.14
C GLU B 385 -4.90 -8.40 23.90
N PHE B 386 -4.48 -9.65 24.13
CA PHE B 386 -5.15 -10.57 25.02
C PHE B 386 -4.14 -10.99 26.07
N SER B 387 -4.58 -11.84 26.97
CA SER B 387 -3.76 -12.27 28.07
C SER B 387 -2.65 -13.15 27.50
N HIS B 388 -1.41 -12.65 27.53
CA HIS B 388 -0.22 -13.39 27.04
C HIS B 388 -0.12 -13.51 25.53
N ILE B 389 -1.10 -13.02 24.79
CA ILE B 389 -1.04 -13.09 23.34
C ILE B 389 -1.58 -11.82 22.70
N ALA B 390 -0.75 -11.24 21.84
CA ALA B 390 -1.07 -9.99 21.14
C ALA B 390 -1.09 -10.25 19.65
N PHE B 391 -2.03 -9.62 18.95
CA PHE B 391 -1.95 -9.53 17.50
C PHE B 391 -1.65 -8.12 17.06
N LEU B 392 -0.83 -7.97 16.04
CA LEU B 392 -0.37 -6.65 15.67
C LEU B 392 -0.02 -6.59 14.20
N THR B 393 -0.40 -5.50 13.52
CA THR B 393 -0.09 -5.31 12.11
C THR B 393 0.98 -4.28 11.91
N ILE B 394 1.61 -4.33 10.74
CA ILE B 394 2.57 -3.32 10.34
C ILE B 394 2.10 -2.70 9.02
N LYS B 395 1.56 -1.49 9.13
CA LYS B 395 0.91 -0.86 8.02
C LYS B 395 1.86 -0.64 6.88
N GLY B 396 1.48 -1.05 5.69
CA GLY B 396 2.30 -0.88 4.50
C GLY B 396 3.52 -1.78 4.44
N ALA B 397 3.54 -2.86 5.20
CA ALA B 397 4.64 -3.83 5.12
C ALA B 397 4.17 -5.15 4.52
N GLY B 398 5.07 -5.81 3.83
CA GLY B 398 4.75 -7.05 3.15
C GLY B 398 5.09 -8.24 4.00
N HIS B 399 5.33 -9.35 3.31
CA HIS B 399 5.62 -10.64 3.93
C HIS B 399 6.85 -10.57 4.81
N MET B 400 7.78 -9.68 4.47
CA MET B 400 9.03 -9.59 5.20
C MET B 400 9.12 -8.23 5.84
N VAL B 401 8.52 -8.16 7.02
CA VAL B 401 8.32 -6.93 7.76
C VAL B 401 9.61 -6.14 7.95
N PRO B 402 10.64 -6.75 8.56
CA PRO B 402 11.89 -6.00 8.81
C PRO B 402 12.56 -5.39 7.58
N THR B 403 12.29 -5.93 6.39
CA THR B 403 12.82 -5.37 5.14
C THR B 403 11.99 -4.15 4.71
N ASP B 404 10.68 -4.31 4.67
CA ASP B 404 9.80 -3.24 4.27
C ASP B 404 9.79 -2.09 5.32
N LYS B 405 9.75 -2.43 6.62
CA LYS B 405 9.66 -1.45 7.70
C LYS B 405 10.58 -1.83 8.85
N PRO B 406 11.89 -1.58 8.68
CA PRO B 406 12.81 -1.97 9.75
C PRO B 406 12.53 -1.29 11.08
N LEU B 407 12.35 0.02 11.07
CA LEU B 407 12.23 0.76 12.33
C LEU B 407 11.02 0.29 13.12
N ALA B 408 9.89 0.17 12.43
CA ALA B 408 8.68 -0.34 13.05
C ALA B 408 8.90 -1.76 13.57
N ALA B 409 9.60 -2.57 12.78
CA ALA B 409 9.90 -3.96 13.16
C ALA B 409 10.78 -4.02 14.40
N PHE B 410 11.75 -3.13 14.48
CA PHE B 410 12.63 -3.08 15.64
C PHE B 410 11.86 -2.66 16.87
N THR B 411 11.10 -1.58 16.74
CA THR B 411 10.28 -1.07 17.84
C THR B 411 9.40 -2.16 18.42
N MET B 412 8.67 -2.82 17.54
CA MET B 412 7.77 -3.88 17.90
C MET B 412 8.51 -4.92 18.72
N PHE B 413 9.62 -5.37 18.17
CA PHE B 413 10.46 -6.40 18.75
C PHE B 413 11.02 -5.98 20.11
N SER B 414 11.61 -4.79 20.16
CA SER B 414 12.09 -4.20 21.42
C SER B 414 11.03 -4.15 22.51
N ARG B 415 9.85 -3.70 22.14
CA ARG B 415 8.71 -3.65 23.07
C ARG B 415 8.19 -5.04 23.45
N PHE B 416 8.45 -6.01 22.60
CA PHE B 416 8.05 -7.39 22.84
C PHE B 416 9.00 -7.98 23.86
N LEU B 417 10.29 -7.94 23.52
CA LEU B 417 11.34 -8.42 24.43
C LEU B 417 11.22 -7.85 25.83
N ASN B 418 10.88 -6.57 25.91
CA ASN B 418 10.81 -5.86 27.18
C ASN B 418 9.43 -5.85 27.83
N LYS B 419 8.59 -6.86 27.56
CA LYS B 419 7.27 -6.96 28.20
C LYS B 419 6.52 -5.61 28.27
N GLN B 420 6.71 -4.76 27.26
CA GLN B 420 6.18 -3.40 27.29
C GLN B 420 4.93 -3.27 26.39
N PRO B 421 4.06 -2.28 26.68
CA PRO B 421 2.92 -2.01 25.81
C PRO B 421 3.40 -1.44 24.48
N TYR B 422 2.75 -1.81 23.38
CA TYR B 422 3.25 -1.49 22.04
C TYR B 422 2.87 -0.07 21.62
#